data_5I9M
#
_entry.id   5I9M
#
_cell.length_a   69.029
_cell.length_b   111.217
_cell.length_c   260.695
_cell.angle_alpha   90.00
_cell.angle_beta   90.00
_cell.angle_gamma   90.00
#
_symmetry.space_group_name_H-M   'I 2 2 2'
#
loop_
_entity.id
_entity.type
_entity.pdbx_description
1 polymer 'Enoyl-[acyl-carrier-protein] reductase [NADH]'
2 non-polymer NICOTINAMIDE-ADENINE-DINUCLEOTIDE
3 non-polymer 5-ethyl-4-fluoro-2-[(2-methylpyridin-3-yl)oxy]phenol
4 water water
#
_entity_poly.entity_id   1
_entity_poly.type   'polypeptide(L)'
_entity_poly.pdbx_seq_one_letter_code
;MGFLDGKRILLTGLLSNRSIAYGIAKACKREGAELAFTYVGDRFKDRITEFAAEFGSELVFPCDVADDAQIDALFASLKT
HWDSLDGLVHSIGFAPREAIAGDFLDGLTRENFRIAHDISAYSFPALAKAALPMLSDDASLLTLSYLGAERAIPNYNTMG
LAKAALEASVRYLAVSLGAKGVRVNAISAGPIKTLAASGIKSFGKILDFVESNSPLKRNVTIEQVGNAGAFLLSDLASGV
TAEVMHVDSGFNAVVGGMAGLEEKLAAALEHHHHHH
;
_entity_poly.pdbx_strand_id   A,B,C
#
loop_
_chem_comp.id
_chem_comp.type
_chem_comp.name
_chem_comp.formula
69K non-polymer 5-ethyl-4-fluoro-2-[(2-methylpyridin-3-yl)oxy]phenol 'C14 H14 F N O2'
NAD non-polymer NICOTINAMIDE-ADENINE-DINUCLEOTIDE 'C21 H27 N7 O14 P2'
#
# COMPACT_ATOMS: atom_id res chain seq x y z
N GLY A 2 -12.01 19.84 5.69
CA GLY A 2 -11.79 19.19 4.39
C GLY A 2 -11.70 17.68 4.45
N PHE A 3 -11.64 17.00 3.30
CA PHE A 3 -11.63 15.54 3.29
C PHE A 3 -10.28 14.93 3.60
N LEU A 4 -9.41 15.69 4.26
CA LEU A 4 -8.12 15.18 4.75
C LEU A 4 -7.86 15.65 6.19
N ASP A 5 -8.92 16.09 6.87
CA ASP A 5 -8.81 16.49 8.27
C ASP A 5 -8.12 15.37 9.07
N GLY A 6 -7.09 15.75 9.82
CA GLY A 6 -6.38 14.83 10.68
C GLY A 6 -5.41 13.88 10.03
N LYS A 7 -5.25 13.97 8.71
CA LYS A 7 -4.34 13.06 8.04
C LYS A 7 -2.93 13.63 8.09
N ARG A 8 -1.96 12.79 8.44
CA ARG A 8 -0.58 13.22 8.51
C ARG A 8 0.19 12.66 7.31
N ILE A 9 0.65 13.57 6.44
CA ILE A 9 1.21 13.20 5.14
C ILE A 9 2.63 13.70 4.89
N LEU A 10 3.55 12.77 4.62
CA LEU A 10 4.92 13.10 4.30
C LEU A 10 5.04 13.28 2.79
N LEU A 11 5.59 14.42 2.36
CA LEU A 11 5.74 14.70 0.94
C LEU A 11 7.22 14.72 0.59
N THR A 12 7.58 14.14 -0.56
CA THR A 12 8.93 14.28 -1.11
C THR A 12 8.92 15.06 -2.43
N GLY A 13 10.09 15.48 -2.91
CA GLY A 13 10.18 16.06 -4.23
C GLY A 13 9.64 17.47 -4.41
N LEU A 14 9.38 18.17 -3.31
CA LEU A 14 9.01 19.59 -3.39
C LEU A 14 10.30 20.40 -3.53
N LEU A 15 10.62 20.77 -4.77
CA LEU A 15 11.86 21.47 -5.06
C LEU A 15 11.62 22.96 -5.34
N SER A 16 10.49 23.26 -5.98
CA SER A 16 10.14 24.62 -6.32
C SER A 16 8.64 24.79 -6.25
N ASN A 17 8.15 26.00 -6.47
CA ASN A 17 6.72 26.21 -6.49
C ASN A 17 6.08 25.66 -7.77
N ARG A 18 6.91 25.16 -8.69
CA ARG A 18 6.37 24.60 -9.92
C ARG A 18 6.24 23.08 -9.80
N SER A 19 6.93 22.52 -8.81
CA SER A 19 6.93 21.08 -8.57
C SER A 19 5.54 20.49 -8.52
N ILE A 20 5.41 19.25 -8.98
CA ILE A 20 4.15 18.53 -8.84
C ILE A 20 3.81 18.37 -7.36
N ALA A 21 4.84 18.17 -6.53
CA ALA A 21 4.65 17.98 -5.09
C ALA A 21 4.15 19.26 -4.42
N TYR A 22 4.50 20.41 -5.00
CA TYR A 22 4.01 21.67 -4.46
C TYR A 22 2.51 21.72 -4.64
N GLY A 23 2.04 21.31 -5.82
CA GLY A 23 0.63 21.21 -6.12
C GLY A 23 -0.09 20.30 -5.16
N ILE A 24 0.48 19.13 -4.91
CA ILE A 24 -0.15 18.14 -4.05
C ILE A 24 -0.22 18.69 -2.63
N ALA A 25 0.84 19.37 -2.20
CA ALA A 25 0.87 19.95 -0.86
C ALA A 25 -0.24 20.99 -0.66
N LYS A 26 -0.38 21.93 -1.59
CA LYS A 26 -1.42 22.96 -1.49
C LYS A 26 -2.78 22.32 -1.37
N ALA A 27 -3.06 21.36 -2.25
CA ALA A 27 -4.34 20.68 -2.23
C ALA A 27 -4.56 19.93 -0.90
N CYS A 28 -3.52 19.29 -0.38
CA CYS A 28 -3.64 18.55 0.89
C CYS A 28 -3.84 19.49 2.08
N LYS A 29 -2.96 20.45 2.23
CA LYS A 29 -3.10 21.45 3.28
C LYS A 29 -4.51 22.04 3.26
N ARG A 30 -4.97 22.42 2.08
CA ARG A 30 -6.33 22.93 1.91
C ARG A 30 -7.41 22.00 2.48
N GLU A 31 -7.19 20.70 2.42
CA GLU A 31 -8.23 19.77 2.84
C GLU A 31 -8.06 19.30 4.28
N GLY A 32 -7.14 19.91 5.02
CA GLY A 32 -7.08 19.70 6.47
C GLY A 32 -5.93 18.85 6.93
N ALA A 33 -5.00 18.57 6.01
CA ALA A 33 -3.92 17.62 6.27
C ALA A 33 -2.80 18.31 7.02
N GLU A 34 -2.04 17.54 7.80
CA GLU A 34 -0.86 18.03 8.45
C GLU A 34 0.33 17.47 7.68
N LEU A 35 1.24 18.33 7.25
CA LEU A 35 2.30 17.89 6.33
C LEU A 35 3.71 17.86 6.90
N ALA A 36 4.57 17.08 6.27
CA ALA A 36 6.02 17.11 6.51
C ALA A 36 6.69 16.91 5.17
N PHE A 37 7.97 17.27 5.06
CA PHE A 37 8.63 17.32 3.75
C PHE A 37 10.06 16.85 3.82
N THR A 38 10.55 16.33 2.70
CA THR A 38 11.97 15.99 2.61
C THR A 38 12.72 16.88 1.60
N TYR A 39 14.04 16.77 1.64
CA TYR A 39 14.91 17.52 0.73
C TYR A 39 16.20 16.76 0.51
N VAL A 40 16.93 17.13 -0.53
CA VAL A 40 18.19 16.48 -0.84
C VAL A 40 19.39 17.40 -0.64
N GLY A 41 20.21 17.07 0.34
CA GLY A 41 21.43 17.81 0.62
C GLY A 41 21.22 18.97 1.58
N ASP A 42 22.32 19.41 2.19
CA ASP A 42 22.28 20.49 3.18
C ASP A 42 21.95 21.82 2.51
N ARG A 43 22.30 21.94 1.23
CA ARG A 43 22.18 23.21 0.51
C ARG A 43 20.76 23.57 0.06
N PHE A 44 19.82 22.65 0.28
CA PHE A 44 18.42 22.90 -0.03
C PHE A 44 17.58 23.00 1.24
N LYS A 45 18.24 22.82 2.39
CA LYS A 45 17.58 22.78 3.70
C LYS A 45 16.79 24.06 4.01
N ASP A 46 17.41 25.20 3.68
CA ASP A 46 16.77 26.49 3.94
C ASP A 46 15.51 26.68 3.07
N ARG A 47 15.57 26.26 1.81
CA ARG A 47 14.43 26.47 0.92
C ARG A 47 13.19 25.68 1.33
N ILE A 48 13.39 24.40 1.65
CA ILE A 48 12.28 23.54 2.03
C ILE A 48 11.73 23.92 3.41
N THR A 49 12.57 24.53 4.24
CA THR A 49 12.12 25.00 5.54
C THR A 49 11.14 26.14 5.36
N GLU A 50 11.40 26.98 4.35
CA GLU A 50 10.48 28.07 4.01
C GLU A 50 9.21 27.46 3.47
N PHE A 51 9.37 26.55 2.52
CA PHE A 51 8.23 25.91 1.89
C PHE A 51 7.32 25.28 2.92
N ALA A 52 7.92 24.51 3.83
CA ALA A 52 7.17 23.85 4.90
C ALA A 52 6.46 24.88 5.80
N ALA A 53 7.13 26.01 6.07
CA ALA A 53 6.53 27.07 6.84
C ALA A 53 5.26 27.55 6.18
N GLU A 54 5.31 27.71 4.87
CA GLU A 54 4.15 28.16 4.11
C GLU A 54 2.94 27.21 4.25
N PHE A 55 3.20 25.93 4.47
CA PHE A 55 2.13 24.98 4.72
C PHE A 55 1.92 24.77 6.22
N GLY A 56 2.52 25.64 7.01
CA GLY A 56 2.33 25.61 8.44
C GLY A 56 3.03 24.44 9.09
N SER A 57 4.19 24.08 8.57
CA SER A 57 4.89 22.91 9.07
C SER A 57 6.35 23.20 9.41
N GLU A 58 6.82 22.55 10.46
CA GLU A 58 8.18 22.73 10.93
C GLU A 58 8.92 21.44 10.70
N LEU A 59 8.38 20.59 9.84
CA LEU A 59 8.95 19.25 9.69
C LEU A 59 9.62 19.03 8.31
N VAL A 60 10.93 19.23 8.27
CA VAL A 60 11.70 18.96 7.08
C VAL A 60 12.81 17.96 7.44
N PHE A 61 13.08 17.04 6.53
CA PHE A 61 14.05 15.99 6.80
C PHE A 61 14.86 15.68 5.56
N PRO A 62 16.17 15.49 5.71
CA PRO A 62 16.98 15.16 4.53
C PRO A 62 16.74 13.73 4.06
N CYS A 63 16.83 13.50 2.76
CA CYS A 63 16.73 12.15 2.22
C CYS A 63 17.14 12.08 0.75
N ASP A 64 18.40 11.74 0.53
CA ASP A 64 18.86 11.30 -0.78
C ASP A 64 18.48 9.84 -0.83
N VAL A 65 17.52 9.49 -1.69
CA VAL A 65 16.98 8.14 -1.70
C VAL A 65 17.99 7.15 -2.25
N ALA A 66 19.16 7.64 -2.65
CA ALA A 66 20.21 6.76 -3.15
C ALA A 66 20.90 6.12 -1.97
N ASP A 67 20.72 6.71 -0.80
CA ASP A 67 21.44 6.29 0.38
C ASP A 67 20.51 5.64 1.39
N ASP A 68 20.75 4.35 1.65
CA ASP A 68 20.01 3.58 2.66
C ASP A 68 19.95 4.27 4.01
N ALA A 69 21.07 4.80 4.47
CA ALA A 69 21.16 5.40 5.80
C ALA A 69 20.18 6.56 6.01
N GLN A 70 20.11 7.45 5.03
CA GLN A 70 19.18 8.59 5.05
C GLN A 70 17.71 8.15 5.01
N ILE A 71 17.40 7.16 4.18
CA ILE A 71 16.06 6.58 4.13
C ILE A 71 15.67 6.10 5.53
N ASP A 72 16.51 5.24 6.11
CA ASP A 72 16.21 4.68 7.43
C ASP A 72 16.10 5.76 8.51
N ALA A 73 16.94 6.77 8.39
CA ALA A 73 16.97 7.87 9.36
C ALA A 73 15.81 8.85 9.17
N LEU A 74 15.26 8.90 7.96
CA LEU A 74 14.11 9.75 7.68
C LEU A 74 12.95 9.38 8.59
N PHE A 75 12.65 8.10 8.67
CA PHE A 75 11.53 7.63 9.47
C PHE A 75 11.91 7.52 10.94
N ALA A 76 13.20 7.42 11.20
CA ALA A 76 13.68 7.45 12.58
C ALA A 76 13.38 8.81 13.17
N SER A 77 13.64 9.85 12.36
CA SER A 77 13.40 11.24 12.72
C SER A 77 11.92 11.53 12.79
N LEU A 78 11.21 11.16 11.74
CA LEU A 78 9.77 11.38 11.67
C LEU A 78 9.08 10.79 12.88
N LYS A 79 9.53 9.61 13.30
CA LYS A 79 8.96 8.91 14.43
C LYS A 79 8.95 9.78 15.70
N THR A 80 9.97 10.61 15.86
CA THR A 80 10.10 11.46 17.05
C THR A 80 9.06 12.58 17.08
N HIS A 81 8.46 12.89 15.93
CA HIS A 81 7.46 13.95 15.87
C HIS A 81 6.09 13.34 15.69
N TRP A 82 5.95 12.47 14.70
CA TRP A 82 4.67 11.81 14.46
C TRP A 82 4.65 10.38 14.95
N ASP A 83 3.51 10.02 15.49
CA ASP A 83 3.26 8.70 16.03
C ASP A 83 3.11 7.72 14.88
N SER A 84 2.43 8.17 13.84
CA SER A 84 2.16 7.34 12.69
C SER A 84 2.04 8.21 11.43
N LEU A 85 1.96 7.59 10.25
CA LEU A 85 1.85 8.30 8.96
C LEU A 85 0.69 7.77 8.15
N ASP A 86 -0.09 8.70 7.58
CA ASP A 86 -1.32 8.36 6.88
C ASP A 86 -1.17 8.52 5.38
N GLY A 87 -0.07 9.14 4.98
CA GLY A 87 0.12 9.49 3.59
C GLY A 87 1.59 9.64 3.24
N LEU A 88 1.98 9.06 2.12
CA LEU A 88 3.33 9.23 1.64
C LEU A 88 3.29 9.58 0.20
N VAL A 89 3.85 10.73 -0.14
CA VAL A 89 3.94 11.16 -1.53
C VAL A 89 5.35 10.96 -2.04
N HIS A 90 5.45 10.23 -3.15
CA HIS A 90 6.73 9.94 -3.78
C HIS A 90 6.71 10.65 -5.10
N SER A 91 7.43 11.74 -5.17
CA SER A 91 7.35 12.63 -6.33
C SER A 91 8.77 12.88 -6.76
N ILE A 92 9.49 11.78 -6.94
CA ILE A 92 10.93 11.79 -7.11
C ILE A 92 11.32 11.06 -8.39
N GLY A 93 12.31 11.58 -9.08
CA GLY A 93 12.89 10.84 -10.18
C GLY A 93 14.21 11.47 -10.55
N PHE A 94 15.02 10.71 -11.29
CA PHE A 94 16.24 11.23 -11.89
C PHE A 94 16.71 10.27 -12.96
N ALA A 95 17.30 10.83 -14.01
CA ALA A 95 18.04 10.05 -14.99
C ALA A 95 19.12 10.96 -15.52
N PRO A 96 20.34 10.42 -15.67
CA PRO A 96 21.42 11.15 -16.33
C PRO A 96 20.92 11.72 -17.63
N ARG A 97 21.28 12.99 -17.88
CA ARG A 97 20.79 13.78 -18.99
C ARG A 97 20.91 13.07 -20.33
N GLU A 98 22.05 12.43 -20.58
CA GLU A 98 22.29 11.67 -21.82
C GLU A 98 21.23 10.62 -22.05
N ALA A 99 20.76 10.04 -20.96
CA ALA A 99 19.84 8.89 -21.00
C ALA A 99 18.40 9.29 -21.32
N ILE A 100 18.12 10.59 -21.28
CA ILE A 100 16.80 11.10 -21.57
C ILE A 100 16.93 12.18 -22.66
N ALA A 101 17.89 11.95 -23.54
CA ALA A 101 18.15 12.88 -24.63
C ALA A 101 18.47 12.08 -25.88
N GLY A 102 17.80 12.43 -26.97
CA GLY A 102 18.14 11.84 -28.25
C GLY A 102 17.73 10.40 -28.36
N ASP A 103 18.60 9.59 -28.98
CA ASP A 103 18.31 8.19 -29.23
C ASP A 103 18.44 7.35 -27.96
N PHE A 104 17.51 6.42 -27.78
CA PHE A 104 17.50 5.51 -26.63
C PHE A 104 18.83 4.77 -26.42
N LEU A 105 19.31 4.12 -27.47
CA LEU A 105 20.54 3.33 -27.35
C LEU A 105 21.78 4.20 -27.12
N ASP A 106 21.81 5.37 -27.75
CA ASP A 106 22.97 6.27 -27.61
C ASP A 106 23.22 6.69 -26.17
N GLY A 107 22.14 6.92 -25.40
CA GLY A 107 22.28 7.38 -24.03
C GLY A 107 22.30 6.24 -23.02
N LEU A 108 22.33 5.02 -23.52
CA LEU A 108 22.28 3.83 -22.70
C LEU A 108 23.67 3.35 -22.26
N THR A 109 23.86 3.25 -20.95
CA THR A 109 25.03 2.61 -20.35
C THR A 109 24.50 1.87 -19.13
N ARG A 110 25.22 0.88 -18.64
CA ARG A 110 24.73 0.13 -17.49
C ARG A 110 24.54 1.07 -16.31
N GLU A 111 25.43 2.03 -16.20
CA GLU A 111 25.38 2.98 -15.10
C GLU A 111 24.16 3.90 -15.17
N ASN A 112 23.92 4.52 -16.32
CA ASN A 112 22.73 5.31 -16.52
C ASN A 112 21.46 4.53 -16.16
N PHE A 113 21.35 3.33 -16.72
CA PHE A 113 20.21 2.46 -16.45
C PHE A 113 20.10 2.26 -14.95
N ARG A 114 21.19 1.86 -14.31
CA ARG A 114 21.16 1.56 -12.88
C ARG A 114 20.64 2.74 -12.08
N ILE A 115 21.13 3.92 -12.43
CA ILE A 115 20.84 5.12 -11.69
C ILE A 115 19.38 5.50 -11.85
N ALA A 116 18.88 5.50 -13.09
CA ALA A 116 17.52 5.94 -13.36
C ALA A 116 16.55 5.06 -12.58
N HIS A 117 16.82 3.76 -12.60
CA HIS A 117 15.95 2.80 -11.94
C HIS A 117 16.08 2.89 -10.44
N ASP A 118 17.32 3.01 -9.96
CA ASP A 118 17.58 3.15 -8.54
C ASP A 118 16.75 4.33 -7.98
N ILE A 119 16.89 5.50 -8.61
CA ILE A 119 16.29 6.73 -8.07
C ILE A 119 14.78 6.84 -8.35
N SER A 120 14.37 6.47 -9.56
CA SER A 120 13.00 6.69 -9.98
C SER A 120 12.06 5.51 -9.69
N ALA A 121 12.60 4.31 -9.63
CA ALA A 121 11.78 3.13 -9.43
C ALA A 121 11.94 2.52 -8.03
N TYR A 122 13.15 2.07 -7.70
CA TYR A 122 13.40 1.39 -6.43
C TYR A 122 13.02 2.23 -5.20
N SER A 123 13.14 3.55 -5.31
CA SER A 123 12.97 4.40 -4.15
C SER A 123 11.55 4.36 -3.59
N PHE A 124 10.56 4.11 -4.43
CA PHE A 124 9.17 4.10 -4.00
C PHE A 124 8.89 2.91 -3.03
N PRO A 125 9.15 1.67 -3.46
CA PRO A 125 8.96 0.64 -2.45
C PRO A 125 10.01 0.65 -1.32
N ALA A 126 11.15 1.32 -1.52
CA ALA A 126 12.15 1.36 -0.47
C ALA A 126 11.62 2.22 0.68
N LEU A 127 11.02 3.36 0.33
CA LEU A 127 10.44 4.27 1.29
C LEU A 127 9.26 3.61 1.93
N ALA A 128 8.52 2.83 1.16
CA ALA A 128 7.37 2.16 1.72
C ALA A 128 7.80 1.14 2.79
N LYS A 129 8.84 0.37 2.48
CA LYS A 129 9.37 -0.58 3.43
C LYS A 129 9.85 0.12 4.69
N ALA A 130 10.53 1.24 4.50
CA ALA A 130 11.10 1.97 5.63
C ALA A 130 10.03 2.68 6.46
N ALA A 131 8.86 2.87 5.87
CA ALA A 131 7.75 3.58 6.51
C ALA A 131 6.83 2.62 7.21
N LEU A 132 6.86 1.37 6.77
CA LEU A 132 5.92 0.35 7.22
C LEU A 132 5.64 0.30 8.75
N PRO A 133 6.70 0.23 9.59
CA PRO A 133 6.51 0.26 11.04
C PRO A 133 5.51 1.27 11.57
N MET A 134 5.55 2.49 11.03
CA MET A 134 4.71 3.55 11.55
C MET A 134 3.45 3.79 10.73
N LEU A 135 3.28 3.10 9.61
CA LEU A 135 2.11 3.32 8.78
C LEU A 135 0.83 2.98 9.55
N SER A 136 -0.21 3.78 9.34
CA SER A 136 -1.52 3.50 9.93
C SER A 136 -2.27 2.46 9.11
N ASP A 137 -3.50 2.14 9.53
CA ASP A 137 -4.29 1.11 8.87
C ASP A 137 -5.19 1.63 7.76
N ASP A 138 -5.15 2.92 7.48
CA ASP A 138 -5.87 3.43 6.30
C ASP A 138 -4.92 4.32 5.54
N ALA A 139 -3.64 4.11 5.80
CA ALA A 139 -2.57 4.87 5.17
C ALA A 139 -2.58 4.75 3.65
N SER A 140 -1.90 5.67 2.99
CA SER A 140 -2.01 5.71 1.54
C SER A 140 -0.75 6.21 0.86
N LEU A 141 -0.21 5.40 -0.05
CA LEU A 141 1.00 5.80 -0.75
C LEU A 141 0.68 6.20 -2.19
N LEU A 142 1.37 7.21 -2.69
CA LEU A 142 1.10 7.74 -4.02
C LEU A 142 2.42 8.10 -4.68
N THR A 143 2.61 7.63 -5.92
CA THR A 143 3.76 8.01 -6.71
C THR A 143 3.33 8.67 -8.01
N LEU A 144 4.27 9.25 -8.74
CA LEU A 144 3.94 9.91 -10.00
C LEU A 144 4.56 9.15 -11.17
N SER A 145 3.77 8.81 -12.17
CA SER A 145 4.32 8.18 -13.36
C SER A 145 4.13 9.05 -14.59
N TYR A 146 4.48 8.49 -15.74
CA TYR A 146 4.27 9.19 -17.00
C TYR A 146 3.96 8.19 -18.13
N LEU A 147 3.20 8.65 -19.12
CA LEU A 147 2.75 7.82 -20.21
C LEU A 147 3.87 7.07 -20.92
N GLY A 148 5.09 7.60 -20.79
CA GLY A 148 6.25 7.02 -21.42
C GLY A 148 6.52 5.60 -20.94
N ALA A 149 5.93 5.24 -19.81
CA ALA A 149 5.96 3.88 -19.30
C ALA A 149 5.15 2.94 -20.18
N GLU A 150 4.05 3.47 -20.73
CA GLU A 150 3.06 2.67 -21.44
C GLU A 150 3.39 2.54 -22.91
N ARG A 151 3.90 3.63 -23.48
CA ARG A 151 4.26 3.67 -24.88
C ARG A 151 5.53 4.48 -25.05
N ALA A 152 6.22 4.25 -26.16
CA ALA A 152 7.51 4.91 -26.39
C ALA A 152 7.32 6.38 -26.77
N ILE A 153 8.01 7.25 -26.07
CA ILE A 153 7.88 8.66 -26.30
C ILE A 153 9.26 9.22 -26.49
N PRO A 154 9.44 10.03 -27.55
CA PRO A 154 10.70 10.67 -27.92
C PRO A 154 11.44 11.18 -26.69
N ASN A 155 12.73 10.90 -26.60
CA ASN A 155 13.59 11.43 -25.55
C ASN A 155 13.35 10.88 -24.16
N TYR A 156 12.19 10.29 -23.92
CA TYR A 156 11.92 9.81 -22.56
C TYR A 156 12.77 8.55 -22.24
N ASN A 157 13.04 7.75 -23.26
CA ASN A 157 14.08 6.73 -23.23
C ASN A 157 14.17 5.90 -21.93
N THR A 158 15.35 5.88 -21.33
CA THR A 158 15.63 5.09 -20.13
C THR A 158 14.61 5.38 -19.03
N MET A 159 14.09 6.60 -18.99
CA MET A 159 13.15 6.98 -17.95
C MET A 159 11.84 6.22 -18.13
N GLY A 160 11.53 5.86 -19.38
CA GLY A 160 10.34 5.11 -19.70
C GLY A 160 10.37 3.73 -19.06
N LEU A 161 11.57 3.19 -18.96
CA LEU A 161 11.71 1.81 -18.53
C LEU A 161 11.50 1.80 -17.06
N ALA A 162 12.14 2.74 -16.39
CA ALA A 162 12.04 2.88 -14.95
C ALA A 162 10.60 3.14 -14.53
N LYS A 163 9.89 3.96 -15.29
CA LYS A 163 8.51 4.27 -14.97
C LYS A 163 7.64 3.03 -15.12
N ALA A 164 7.93 2.19 -16.11
CA ALA A 164 7.27 0.89 -16.20
C ALA A 164 7.49 0.08 -14.91
N ALA A 165 8.72 0.01 -14.43
CA ALA A 165 9.05 -0.72 -13.22
C ALA A 165 8.32 -0.06 -12.05
N LEU A 166 8.24 1.25 -12.08
CA LEU A 166 7.61 1.94 -10.98
C LEU A 166 6.14 1.56 -10.90
N GLU A 167 5.48 1.48 -12.05
CA GLU A 167 4.06 1.21 -12.06
C GLU A 167 3.81 -0.23 -11.62
N ALA A 168 4.71 -1.13 -11.99
CA ALA A 168 4.61 -2.51 -11.52
C ALA A 168 4.77 -2.55 -10.00
N SER A 169 5.64 -1.68 -9.48
CA SER A 169 5.91 -1.62 -8.04
C SER A 169 4.67 -1.20 -7.26
N VAL A 170 3.85 -0.35 -7.85
CA VAL A 170 2.54 0.03 -7.31
C VAL A 170 1.66 -1.20 -7.11
N ARG A 171 1.70 -2.13 -8.05
CA ARG A 171 0.85 -3.30 -7.97
C ARG A 171 1.38 -4.27 -6.93
N TYR A 172 2.68 -4.53 -6.95
CA TYR A 172 3.25 -5.42 -5.95
C TYR A 172 3.16 -4.80 -4.55
N LEU A 173 3.46 -3.51 -4.45
CA LEU A 173 3.26 -2.83 -3.17
C LEU A 173 1.84 -2.99 -2.64
N ALA A 174 0.83 -2.85 -3.51
CA ALA A 174 -0.57 -2.88 -3.08
C ALA A 174 -0.96 -4.24 -2.49
N VAL A 175 -0.37 -5.31 -3.01
CA VAL A 175 -0.65 -6.65 -2.52
C VAL A 175 0.09 -6.88 -1.21
N SER A 176 1.31 -6.39 -1.13
CA SER A 176 2.14 -6.54 0.05
C SER A 176 1.63 -5.72 1.26
N LEU A 177 1.06 -4.54 1.00
CA LEU A 177 0.63 -3.65 2.09
C LEU A 177 -0.87 -3.66 2.34
N GLY A 178 -1.65 -4.19 1.41
CA GLY A 178 -3.09 -4.02 1.45
C GLY A 178 -3.79 -4.83 2.50
N ALA A 179 -3.14 -5.88 2.99
CA ALA A 179 -3.72 -6.67 4.07
C ALA A 179 -3.75 -5.81 5.33
N LYS A 180 -2.79 -4.89 5.42
CA LYS A 180 -2.71 -3.95 6.54
C LYS A 180 -3.68 -2.76 6.34
N GLY A 181 -4.49 -2.82 5.30
CA GLY A 181 -5.39 -1.72 4.98
C GLY A 181 -4.76 -0.56 4.22
N VAL A 182 -3.47 -0.71 3.88
CA VAL A 182 -2.72 0.36 3.21
C VAL A 182 -2.90 0.35 1.68
N ARG A 183 -3.29 1.49 1.12
CA ARG A 183 -3.49 1.58 -0.33
C ARG A 183 -2.29 2.20 -1.05
N VAL A 184 -2.04 1.75 -2.27
CA VAL A 184 -0.91 2.24 -3.06
C VAL A 184 -1.34 2.55 -4.49
N ASN A 185 -1.09 3.77 -4.93
CA ASN A 185 -1.54 4.20 -6.25
C ASN A 185 -0.51 5.07 -6.98
N ALA A 186 -0.71 5.28 -8.27
CA ALA A 186 0.12 6.25 -8.99
C ALA A 186 -0.76 7.23 -9.79
N ILE A 187 -0.29 8.44 -10.01
CA ILE A 187 -0.91 9.31 -10.98
C ILE A 187 0.04 9.44 -12.18
N SER A 188 -0.47 9.15 -13.38
CA SER A 188 0.31 9.34 -14.58
C SER A 188 -0.05 10.71 -15.09
N ALA A 189 0.77 11.71 -14.76
CA ALA A 189 0.45 13.08 -15.11
C ALA A 189 0.88 13.44 -16.52
N GLY A 190 0.10 14.27 -17.18
CA GLY A 190 0.49 14.87 -18.45
C GLY A 190 1.63 15.83 -18.19
N PRO A 191 2.32 16.26 -19.27
CA PRO A 191 3.51 17.12 -19.15
C PRO A 191 3.23 18.44 -18.40
N ILE A 192 4.09 18.79 -17.45
CA ILE A 192 4.05 20.08 -16.77
C ILE A 192 5.44 20.69 -16.66
N LYS A 193 5.58 21.93 -17.13
CA LYS A 193 6.86 22.62 -17.05
C LYS A 193 7.32 22.77 -15.61
N THR A 194 8.23 21.88 -15.22
CA THR A 194 8.82 21.87 -13.90
C THR A 194 10.32 21.82 -14.11
N LEU A 195 11.10 21.90 -13.04
CA LEU A 195 12.55 21.87 -13.16
C LEU A 195 13.09 20.61 -13.82
N ALA A 196 12.54 19.46 -13.45
CA ALA A 196 13.01 18.20 -14.02
C ALA A 196 12.71 18.13 -15.52
N ALA A 197 11.71 18.89 -15.96
CA ALA A 197 11.28 18.90 -17.35
C ALA A 197 12.34 19.55 -18.26
N SER A 198 13.29 20.24 -17.66
CA SER A 198 14.39 20.84 -18.40
C SER A 198 15.21 19.78 -19.14
N GLY A 199 15.46 18.68 -18.46
CA GLY A 199 16.28 17.61 -19.01
C GLY A 199 15.65 16.81 -20.13
N ILE A 200 14.42 17.19 -20.49
CA ILE A 200 13.73 16.58 -21.61
C ILE A 200 13.94 17.48 -22.82
N LYS A 201 14.65 17.00 -23.84
CA LYS A 201 14.81 17.75 -25.08
C LYS A 201 13.47 17.90 -25.77
N SER A 202 13.13 19.12 -26.22
CA SER A 202 11.86 19.39 -26.88
C SER A 202 10.61 19.06 -26.04
N PHE A 203 10.67 19.44 -24.76
CA PHE A 203 9.53 19.35 -23.85
C PHE A 203 8.46 20.22 -24.41
N GLY A 204 8.88 21.35 -24.92
CA GLY A 204 7.98 22.32 -25.50
C GLY A 204 7.16 21.73 -26.62
N LYS A 205 7.78 20.83 -27.39
CA LYS A 205 7.08 20.19 -28.50
C LYS A 205 5.98 19.29 -27.96
N ILE A 206 6.31 18.49 -26.95
CA ILE A 206 5.33 17.62 -26.27
C ILE A 206 4.18 18.46 -25.71
N LEU A 207 4.53 19.54 -25.04
CA LEU A 207 3.56 20.43 -24.42
C LEU A 207 2.58 20.99 -25.45
N ASP A 208 3.09 21.38 -26.62
CA ASP A 208 2.24 21.94 -27.65
C ASP A 208 1.35 20.85 -28.23
N PHE A 209 1.94 19.67 -28.38
CA PHE A 209 1.26 18.56 -29.01
C PHE A 209 0.05 18.15 -28.21
N VAL A 210 0.22 18.05 -26.90
CA VAL A 210 -0.89 17.64 -26.03
C VAL A 210 -1.97 18.72 -25.88
N GLU A 211 -1.56 19.99 -25.85
CA GLU A 211 -2.52 21.08 -25.82
C GLU A 211 -3.36 21.05 -27.10
N SER A 212 -2.74 20.61 -28.20
CA SER A 212 -3.44 20.54 -29.46
C SER A 212 -4.25 19.25 -29.62
N ASN A 213 -3.81 18.19 -28.95
CA ASN A 213 -4.37 16.89 -29.23
C ASN A 213 -5.13 16.18 -28.11
N SER A 214 -4.90 16.59 -26.87
CA SER A 214 -5.68 16.02 -25.78
C SER A 214 -7.17 16.28 -26.05
N PRO A 215 -8.03 15.40 -25.53
CA PRO A 215 -9.46 15.63 -25.66
C PRO A 215 -9.91 16.99 -25.09
N LEU A 216 -9.43 17.37 -23.91
CA LEU A 216 -9.80 18.66 -23.35
C LEU A 216 -9.06 19.83 -23.99
N LYS A 217 -8.19 19.53 -24.94
CA LYS A 217 -7.40 20.52 -25.67
C LYS A 217 -6.61 21.47 -24.76
N ARG A 218 -6.18 20.96 -23.60
CA ARG A 218 -5.44 21.81 -22.68
C ARG A 218 -4.48 20.99 -21.83
N ASN A 219 -3.39 21.61 -21.42
CA ASN A 219 -2.43 20.98 -20.54
C ASN A 219 -2.91 20.95 -19.09
N VAL A 220 -2.37 20.02 -18.32
CA VAL A 220 -2.78 19.90 -16.93
C VAL A 220 -1.89 20.77 -16.06
N THR A 221 -2.43 21.21 -14.93
CA THR A 221 -1.68 22.04 -13.99
C THR A 221 -1.35 21.21 -12.76
N ILE A 222 -0.36 21.65 -12.00
CA ILE A 222 -0.05 20.99 -10.73
C ILE A 222 -1.25 21.06 -9.74
N GLU A 223 -2.13 22.05 -9.93
CA GLU A 223 -3.36 22.13 -9.14
C GLU A 223 -4.29 20.99 -9.48
N GLN A 224 -4.32 20.60 -10.75
CA GLN A 224 -5.20 19.54 -11.16
C GLN A 224 -4.68 18.21 -10.69
N VAL A 225 -3.37 18.02 -10.80
CA VAL A 225 -2.75 16.79 -10.34
C VAL A 225 -2.84 16.74 -8.81
N GLY A 226 -2.58 17.88 -8.18
CA GLY A 226 -2.63 18.01 -6.74
C GLY A 226 -3.98 17.63 -6.18
N ASN A 227 -5.03 18.10 -6.83
CA ASN A 227 -6.38 17.74 -6.45
C ASN A 227 -6.67 16.22 -6.51
N ALA A 228 -6.23 15.59 -7.58
CA ALA A 228 -6.36 14.15 -7.73
C ALA A 228 -5.55 13.38 -6.67
N GLY A 229 -4.34 13.85 -6.41
CA GLY A 229 -3.51 13.26 -5.39
C GLY A 229 -4.17 13.28 -4.02
N ALA A 230 -4.70 14.43 -3.63
CA ALA A 230 -5.39 14.58 -2.36
C ALA A 230 -6.49 13.53 -2.27
N PHE A 231 -7.33 13.44 -3.29
CA PHE A 231 -8.34 12.41 -3.37
C PHE A 231 -7.80 11.02 -3.08
N LEU A 232 -6.82 10.57 -3.87
CA LEU A 232 -6.19 9.28 -3.67
C LEU A 232 -5.61 9.08 -2.28
N LEU A 233 -5.08 10.15 -1.70
CA LEU A 233 -4.52 10.08 -0.36
C LEU A 233 -5.62 10.01 0.72
N SER A 234 -6.82 10.40 0.33
CA SER A 234 -7.92 10.50 1.27
C SER A 234 -8.78 9.24 1.35
N ASP A 235 -9.66 9.20 2.34
CA ASP A 235 -10.51 8.06 2.56
C ASP A 235 -11.64 8.00 1.55
N LEU A 236 -11.80 9.06 0.75
CA LEU A 236 -12.70 9.02 -0.40
C LEU A 236 -12.25 7.94 -1.42
N ALA A 237 -10.95 7.70 -1.48
CA ALA A 237 -10.41 6.69 -2.41
C ALA A 237 -10.14 5.39 -1.68
N SER A 238 -10.91 5.12 -0.61
CA SER A 238 -10.64 3.95 0.23
C SER A 238 -10.89 2.61 -0.49
N GLY A 239 -11.65 2.63 -1.58
CA GLY A 239 -11.81 1.44 -2.39
C GLY A 239 -10.80 1.32 -3.54
N VAL A 240 -9.80 2.19 -3.56
CA VAL A 240 -8.89 2.29 -4.71
C VAL A 240 -7.45 2.05 -4.31
N THR A 241 -6.86 1.01 -4.89
CA THR A 241 -5.46 0.70 -4.69
C THR A 241 -4.96 -0.02 -5.95
N ALA A 242 -3.64 -0.01 -6.15
CA ALA A 242 -2.97 -0.65 -7.27
C ALA A 242 -3.38 0.01 -8.57
N GLU A 243 -3.80 1.27 -8.47
CA GLU A 243 -4.29 1.97 -9.65
C GLU A 243 -3.26 2.98 -10.17
N VAL A 244 -3.13 3.05 -11.48
CA VAL A 244 -2.39 4.14 -12.12
C VAL A 244 -3.39 5.05 -12.78
N MET A 245 -3.60 6.23 -12.21
CA MET A 245 -4.67 7.13 -12.65
C MET A 245 -4.13 8.21 -13.57
N HIS A 246 -4.62 8.28 -14.80
CA HIS A 246 -4.16 9.31 -15.72
C HIS A 246 -4.77 10.65 -15.35
N VAL A 247 -3.93 11.64 -15.11
CA VAL A 247 -4.39 13.01 -15.05
C VAL A 247 -3.63 13.81 -16.11
N ASP A 248 -4.12 13.75 -17.34
CA ASP A 248 -3.40 14.27 -18.49
C ASP A 248 -4.34 14.86 -19.54
N SER A 249 -5.47 15.40 -19.07
CA SER A 249 -6.54 15.88 -19.94
C SER A 249 -7.01 14.85 -20.96
N GLY A 250 -6.73 13.57 -20.68
CA GLY A 250 -7.19 12.47 -21.52
C GLY A 250 -6.22 12.08 -22.62
N PHE A 251 -5.05 12.69 -22.64
CA PHE A 251 -4.14 12.52 -23.76
C PHE A 251 -3.80 11.05 -24.06
N ASN A 252 -3.62 10.25 -23.01
CA ASN A 252 -3.24 8.84 -23.15
C ASN A 252 -4.19 8.04 -24.01
N ALA A 253 -5.45 8.46 -24.02
CA ALA A 253 -6.52 7.67 -24.59
C ALA A 253 -6.76 7.95 -26.08
N VAL A 254 -5.98 8.82 -26.67
CA VAL A 254 -6.19 9.14 -28.08
C VAL A 254 -4.96 8.86 -28.94
N VAL A 255 -5.19 8.77 -30.24
CA VAL A 255 -4.09 8.81 -31.19
C VAL A 255 -4.17 10.17 -31.87
N GLY A 256 -3.31 11.09 -31.44
CA GLY A 256 -3.36 12.45 -31.93
C GLY A 256 -2.43 12.71 -33.10
N GLY A 257 -2.65 13.83 -33.78
CA GLY A 257 -1.75 14.29 -34.82
C GLY A 257 -2.18 14.00 -36.24
N MET A 258 -3.23 13.19 -36.38
CA MET A 258 -3.65 12.74 -37.72
C MET A 258 -4.74 13.63 -38.34
N GLY B 2 -19.19 21.56 0.47
CA GLY B 2 -18.44 20.44 -0.07
C GLY B 2 -17.92 20.72 -1.48
N PHE B 3 -17.17 19.78 -2.05
CA PHE B 3 -16.54 20.00 -3.35
C PHE B 3 -17.47 19.80 -4.55
N LEU B 4 -18.77 19.87 -4.31
CA LEU B 4 -19.76 19.83 -5.37
C LEU B 4 -20.82 20.90 -5.16
N ASP B 5 -20.49 21.92 -4.35
CA ASP B 5 -21.41 23.05 -4.13
C ASP B 5 -21.83 23.63 -5.47
N GLY B 6 -23.14 23.79 -5.65
CA GLY B 6 -23.65 24.42 -6.86
C GLY B 6 -23.66 23.56 -8.12
N LYS B 7 -23.21 22.32 -8.01
CA LYS B 7 -23.28 21.43 -9.16
C LYS B 7 -24.67 20.79 -9.28
N ARG B 8 -25.21 20.80 -10.51
CA ARG B 8 -26.50 20.19 -10.78
C ARG B 8 -26.32 18.89 -11.56
N ILE B 9 -26.68 17.78 -10.90
CA ILE B 9 -26.36 16.44 -11.40
C ILE B 9 -27.58 15.53 -11.58
N LEU B 10 -27.78 15.07 -12.81
CA LEU B 10 -28.82 14.10 -13.13
C LEU B 10 -28.29 12.69 -12.92
N LEU B 11 -29.00 11.89 -12.13
CA LEU B 11 -28.61 10.52 -11.87
C LEU B 11 -29.63 9.54 -12.47
N THR B 12 -29.13 8.45 -13.06
CA THR B 12 -29.99 7.37 -13.53
C THR B 12 -29.68 6.07 -12.76
N GLY B 13 -30.54 5.07 -12.90
CA GLY B 13 -30.22 3.78 -12.31
C GLY B 13 -30.40 3.61 -10.81
N LEU B 14 -30.97 4.60 -10.15
CA LEU B 14 -31.30 4.46 -8.72
C LEU B 14 -32.57 3.63 -8.55
N LEU B 15 -32.40 2.34 -8.29
CA LEU B 15 -33.52 1.44 -8.24
C LEU B 15 -33.83 1.04 -6.81
N SER B 16 -32.79 0.86 -6.00
CA SER B 16 -32.96 0.51 -4.60
C SER B 16 -31.91 1.22 -3.77
N ASN B 17 -31.93 1.03 -2.46
CA ASN B 17 -30.91 1.62 -1.59
C ASN B 17 -29.58 0.87 -1.68
N ARG B 18 -29.56 -0.21 -2.46
CA ARG B 18 -28.34 -0.97 -2.64
C ARG B 18 -27.66 -0.60 -3.95
N SER B 19 -28.41 0.07 -4.83
CA SER B 19 -27.91 0.53 -6.13
C SER B 19 -26.61 1.29 -6.02
N ILE B 20 -25.75 1.13 -7.01
CA ILE B 20 -24.52 1.92 -7.09
C ILE B 20 -24.87 3.41 -7.21
N ALA B 21 -25.96 3.71 -7.92
CA ALA B 21 -26.42 5.09 -8.08
C ALA B 21 -26.91 5.71 -6.77
N TYR B 22 -27.37 4.86 -5.85
CA TYR B 22 -27.79 5.34 -4.54
C TYR B 22 -26.56 5.84 -3.79
N GLY B 23 -25.48 5.06 -3.85
CA GLY B 23 -24.20 5.46 -3.28
C GLY B 23 -23.66 6.76 -3.84
N ILE B 24 -23.71 6.91 -5.16
CA ILE B 24 -23.22 8.12 -5.81
C ILE B 24 -24.04 9.32 -5.38
N ALA B 25 -25.36 9.11 -5.27
CA ALA B 25 -26.27 10.19 -4.86
C ALA B 25 -25.95 10.69 -3.45
N LYS B 26 -25.84 9.77 -2.49
CA LYS B 26 -25.47 10.13 -1.12
C LYS B 26 -24.22 10.97 -1.07
N ALA B 27 -23.16 10.46 -1.71
CA ALA B 27 -21.89 11.16 -1.75
C ALA B 27 -22.01 12.53 -2.39
N CYS B 28 -22.76 12.64 -3.49
CA CYS B 28 -22.94 13.92 -4.17
C CYS B 28 -23.71 14.92 -3.33
N LYS B 29 -24.88 14.51 -2.85
CA LYS B 29 -25.70 15.35 -2.00
C LYS B 29 -24.85 15.86 -0.83
N ARG B 30 -24.13 14.94 -0.20
CA ARG B 30 -23.22 15.29 0.89
C ARG B 30 -22.26 16.41 0.53
N GLU B 31 -21.83 16.48 -0.72
CA GLU B 31 -20.83 17.45 -1.11
C GLU B 31 -21.42 18.72 -1.69
N GLY B 32 -22.73 18.90 -1.57
CA GLY B 32 -23.34 20.18 -1.90
C GLY B 32 -24.02 20.22 -3.26
N ALA B 33 -24.20 19.04 -3.85
CA ALA B 33 -24.80 18.96 -5.17
C ALA B 33 -26.31 19.02 -5.13
N GLU B 34 -26.89 19.54 -6.21
CA GLU B 34 -28.33 19.51 -6.38
C GLU B 34 -28.67 18.41 -7.39
N LEU B 35 -29.56 17.49 -7.01
CA LEU B 35 -29.77 16.28 -7.79
C LEU B 35 -31.12 16.17 -8.50
N ALA B 36 -31.16 15.36 -9.54
CA ALA B 36 -32.40 14.94 -10.20
C ALA B 36 -32.23 13.48 -10.59
N PHE B 37 -33.34 12.78 -10.80
CA PHE B 37 -33.27 11.33 -11.00
C PHE B 37 -34.18 10.85 -12.11
N THR B 38 -33.83 9.72 -12.71
CA THR B 38 -34.72 9.08 -13.66
C THR B 38 -35.22 7.72 -13.15
N TYR B 39 -36.24 7.19 -13.84
CA TYR B 39 -36.84 5.90 -13.53
C TYR B 39 -37.40 5.25 -14.80
N VAL B 40 -37.68 3.95 -14.72
CA VAL B 40 -38.21 3.23 -15.86
C VAL B 40 -39.62 2.76 -15.59
N GLY B 41 -40.59 3.30 -16.32
CA GLY B 41 -41.97 2.88 -16.23
C GLY B 41 -42.75 3.66 -15.19
N ASP B 42 -44.08 3.66 -15.34
CA ASP B 42 -44.96 4.36 -14.42
C ASP B 42 -44.99 3.70 -13.03
N ARG B 43 -44.72 2.40 -13.00
CA ARG B 43 -44.85 1.60 -11.77
C ARG B 43 -43.70 1.77 -10.78
N PHE B 44 -42.66 2.51 -11.18
CA PHE B 44 -41.54 2.82 -10.30
C PHE B 44 -41.50 4.31 -9.92
N LYS B 45 -42.46 5.07 -10.45
CA LYS B 45 -42.53 6.51 -10.27
C LYS B 45 -42.63 6.92 -8.80
N ASP B 46 -43.44 6.19 -8.04
CA ASP B 46 -43.63 6.47 -6.62
C ASP B 46 -42.36 6.22 -5.79
N ARG B 47 -41.62 5.15 -6.09
CA ARG B 47 -40.40 4.84 -5.34
C ARG B 47 -39.28 5.86 -5.52
N ILE B 48 -39.05 6.28 -6.76
CA ILE B 48 -37.99 7.23 -7.05
C ILE B 48 -38.35 8.64 -6.56
N THR B 49 -39.64 8.93 -6.46
CA THR B 49 -40.10 10.20 -5.91
C THR B 49 -39.75 10.28 -4.42
N GLU B 50 -39.88 9.15 -3.72
CA GLU B 50 -39.45 9.03 -2.33
C GLU B 50 -37.95 9.19 -2.24
N PHE B 51 -37.24 8.40 -3.04
CA PHE B 51 -35.78 8.48 -3.08
C PHE B 51 -35.30 9.90 -3.30
N ALA B 52 -35.85 10.57 -4.32
CA ALA B 52 -35.47 11.94 -4.63
C ALA B 52 -35.76 12.88 -3.46
N ALA B 53 -36.88 12.66 -2.79
CA ALA B 53 -37.23 13.43 -1.60
C ALA B 53 -36.13 13.32 -0.56
N GLU B 54 -35.65 12.10 -0.34
CA GLU B 54 -34.59 11.84 0.63
C GLU B 54 -33.30 12.63 0.33
N PHE B 55 -33.08 12.94 -0.95
CA PHE B 55 -31.95 13.78 -1.31
C PHE B 55 -32.38 15.23 -1.51
N GLY B 56 -33.59 15.53 -1.05
CA GLY B 56 -34.11 16.89 -1.08
C GLY B 56 -34.39 17.35 -2.50
N SER B 57 -34.91 16.44 -3.31
CA SER B 57 -35.19 16.76 -4.70
C SER B 57 -36.60 16.40 -5.12
N GLU B 58 -37.17 17.22 -6.00
CA GLU B 58 -38.52 17.02 -6.48
C GLU B 58 -38.45 16.71 -7.96
N LEU B 59 -37.27 16.30 -8.42
CA LEU B 59 -37.05 16.13 -9.85
C LEU B 59 -36.85 14.68 -10.27
N VAL B 60 -37.95 14.04 -10.66
CA VAL B 60 -37.91 12.67 -11.18
C VAL B 60 -38.48 12.67 -12.60
N PHE B 61 -37.89 11.88 -13.48
CA PHE B 61 -38.29 11.88 -14.88
C PHE B 61 -38.20 10.47 -15.46
N PRO B 62 -39.20 10.06 -16.23
CA PRO B 62 -39.16 8.71 -16.81
C PRO B 62 -38.14 8.62 -17.93
N CYS B 63 -37.51 7.47 -18.08
CA CYS B 63 -36.61 7.23 -19.20
C CYS B 63 -36.25 5.77 -19.33
N ASP B 64 -36.97 5.07 -20.19
CA ASP B 64 -36.52 3.80 -20.73
C ASP B 64 -35.58 4.17 -21.87
N VAL B 65 -34.29 3.90 -21.69
CA VAL B 65 -33.29 4.33 -22.65
C VAL B 65 -33.35 3.55 -23.95
N ALA B 66 -34.28 2.58 -24.01
CA ALA B 66 -34.51 1.83 -25.23
C ALA B 66 -35.31 2.68 -26.21
N ASP B 67 -35.95 3.69 -25.67
CA ASP B 67 -36.86 4.52 -26.45
C ASP B 67 -36.30 5.92 -26.65
N ASP B 68 -36.06 6.26 -27.94
CA ASP B 68 -35.63 7.60 -28.37
C ASP B 68 -36.50 8.73 -27.82
N ALA B 69 -37.82 8.56 -27.90
CA ALA B 69 -38.76 9.59 -27.48
C ALA B 69 -38.56 10.01 -26.01
N GLN B 70 -38.47 9.02 -25.12
CA GLN B 70 -38.24 9.26 -23.69
C GLN B 70 -36.89 9.91 -23.38
N ILE B 71 -35.84 9.47 -24.07
CA ILE B 71 -34.53 10.11 -23.96
C ILE B 71 -34.62 11.60 -24.30
N ASP B 72 -35.19 11.91 -25.47
CA ASP B 72 -35.35 13.29 -25.93
C ASP B 72 -36.23 14.11 -24.98
N ALA B 73 -37.27 13.48 -24.47
CA ALA B 73 -38.21 14.15 -23.58
C ALA B 73 -37.65 14.34 -22.16
N LEU B 74 -36.70 13.50 -21.78
CA LEU B 74 -36.01 13.62 -20.48
C LEU B 74 -35.36 15.00 -20.32
N PHE B 75 -34.59 15.40 -21.33
CA PHE B 75 -33.90 16.69 -21.31
C PHE B 75 -34.82 17.85 -21.71
N ALA B 76 -35.91 17.53 -22.41
CA ALA B 76 -36.96 18.53 -22.67
C ALA B 76 -37.59 18.95 -21.35
N SER B 77 -37.88 17.96 -20.51
CA SER B 77 -38.45 18.16 -19.18
C SER B 77 -37.45 18.82 -18.24
N LEU B 78 -36.25 18.25 -18.19
CA LEU B 78 -35.18 18.78 -17.36
C LEU B 78 -34.92 20.25 -17.64
N LYS B 79 -34.98 20.63 -18.91
CA LYS B 79 -34.75 22.00 -19.34
C LYS B 79 -35.69 23.00 -18.65
N THR B 80 -36.92 22.55 -18.38
CA THR B 80 -37.94 23.40 -17.75
C THR B 80 -37.67 23.70 -16.26
N HIS B 81 -36.80 22.90 -15.65
CA HIS B 81 -36.44 23.09 -14.25
C HIS B 81 -35.03 23.64 -14.15
N TRP B 82 -34.09 22.96 -14.77
CA TRP B 82 -32.70 23.42 -14.79
C TRP B 82 -32.30 24.09 -16.07
N ASP B 83 -31.52 25.15 -15.91
CA ASP B 83 -30.99 25.91 -17.00
C ASP B 83 -29.92 25.11 -17.74
N SER B 84 -29.11 24.40 -16.98
CA SER B 84 -28.00 23.62 -17.53
C SER B 84 -27.71 22.42 -16.62
N LEU B 85 -26.85 21.50 -17.08
CA LEU B 85 -26.51 20.31 -16.30
C LEU B 85 -25.00 20.15 -16.16
N ASP B 86 -24.53 19.88 -14.94
CA ASP B 86 -23.10 19.86 -14.63
C ASP B 86 -22.59 18.43 -14.47
N GLY B 87 -23.53 17.50 -14.32
CA GLY B 87 -23.19 16.13 -14.07
C GLY B 87 -24.24 15.16 -14.57
N LEU B 88 -23.79 14.10 -15.21
CA LEU B 88 -24.68 13.05 -15.65
C LEU B 88 -24.13 11.73 -15.21
N VAL B 89 -24.91 11.00 -14.41
CA VAL B 89 -24.52 9.67 -14.01
C VAL B 89 -25.30 8.64 -14.80
N HIS B 90 -24.57 7.72 -15.44
CA HIS B 90 -25.14 6.65 -16.24
C HIS B 90 -24.83 5.37 -15.49
N SER B 91 -25.83 4.84 -14.80
CA SER B 91 -25.62 3.68 -13.95
C SER B 91 -26.63 2.64 -14.35
N ILE B 92 -26.63 2.35 -15.63
CA ILE B 92 -27.66 1.57 -16.29
C ILE B 92 -27.04 0.40 -17.04
N GLY B 93 -27.69 -0.75 -16.99
CA GLY B 93 -27.33 -1.87 -17.82
C GLY B 93 -28.46 -2.87 -17.86
N PHE B 94 -28.44 -3.73 -18.87
CA PHE B 94 -29.34 -4.88 -18.91
C PHE B 94 -28.83 -5.89 -19.91
N ALA B 95 -29.00 -7.16 -19.59
CA ALA B 95 -28.80 -8.22 -20.57
C ALA B 95 -29.81 -9.31 -20.23
N PRO B 96 -30.45 -9.89 -21.26
CA PRO B 96 -31.30 -11.05 -21.07
C PRO B 96 -30.59 -12.11 -20.22
N ARG B 97 -31.32 -12.69 -19.27
CA ARG B 97 -30.76 -13.59 -18.27
C ARG B 97 -29.91 -14.71 -18.86
N GLU B 98 -30.39 -15.30 -19.95
CA GLU B 98 -29.68 -16.38 -20.63
C GLU B 98 -28.29 -15.95 -21.08
N ALA B 99 -28.17 -14.68 -21.45
CA ALA B 99 -26.95 -14.14 -22.03
C ALA B 99 -25.86 -13.87 -21.01
N ILE B 100 -26.24 -13.91 -19.73
CA ILE B 100 -25.30 -13.69 -18.64
C ILE B 100 -25.35 -14.89 -17.69
N ALA B 101 -25.59 -16.06 -18.26
CA ALA B 101 -25.68 -17.28 -17.48
C ALA B 101 -25.02 -18.41 -18.27
N GLY B 102 -24.21 -19.20 -17.57
CA GLY B 102 -23.57 -20.36 -18.17
C GLY B 102 -22.57 -20.03 -19.25
N ASP B 103 -22.60 -20.81 -20.33
CA ASP B 103 -21.67 -20.65 -21.43
C ASP B 103 -22.02 -19.46 -22.31
N PHE B 104 -20.98 -18.75 -22.73
CA PHE B 104 -21.09 -17.58 -23.59
C PHE B 104 -21.91 -17.86 -24.86
N LEU B 105 -21.51 -18.89 -25.61
CA LEU B 105 -22.18 -19.19 -26.88
C LEU B 105 -23.63 -19.67 -26.71
N ASP B 106 -23.89 -20.43 -25.65
CA ASP B 106 -25.22 -20.95 -25.38
C ASP B 106 -26.25 -19.85 -25.21
N GLY B 107 -25.90 -18.77 -24.51
CA GLY B 107 -26.83 -17.69 -24.27
C GLY B 107 -26.80 -16.63 -25.36
N LEU B 108 -26.08 -16.92 -26.45
CA LEU B 108 -25.88 -15.96 -27.53
C LEU B 108 -26.95 -16.07 -28.62
N THR B 109 -27.66 -14.97 -28.86
CA THR B 109 -28.57 -14.83 -30.00
C THR B 109 -28.38 -13.40 -30.50
N ARG B 110 -28.72 -13.12 -31.76
CA ARG B 110 -28.54 -11.76 -32.27
C ARG B 110 -29.34 -10.77 -31.42
N GLU B 111 -30.49 -11.23 -30.95
CA GLU B 111 -31.38 -10.38 -30.18
C GLU B 111 -30.81 -10.05 -28.80
N ASN B 112 -30.34 -11.07 -28.08
CA ASN B 112 -29.68 -10.86 -26.79
C ASN B 112 -28.52 -9.89 -26.93
N PHE B 113 -27.67 -10.15 -27.92
CA PHE B 113 -26.56 -9.26 -28.24
C PHE B 113 -27.06 -7.83 -28.45
N ARG B 114 -28.00 -7.67 -29.37
CA ARG B 114 -28.52 -6.34 -29.68
C ARG B 114 -29.00 -5.61 -28.44
N ILE B 115 -29.74 -6.33 -27.59
CA ILE B 115 -30.36 -5.77 -26.40
C ILE B 115 -29.35 -5.32 -25.36
N ALA B 116 -28.41 -6.20 -25.04
CA ALA B 116 -27.38 -5.89 -24.05
C ALA B 116 -26.62 -4.64 -24.47
N HIS B 117 -26.25 -4.58 -25.76
CA HIS B 117 -25.47 -3.45 -26.28
C HIS B 117 -26.28 -2.19 -26.39
N ASP B 118 -27.53 -2.33 -26.85
CA ASP B 118 -28.46 -1.23 -26.92
C ASP B 118 -28.58 -0.53 -25.56
N ILE B 119 -28.88 -1.33 -24.53
CA ILE B 119 -29.19 -0.80 -23.20
C ILE B 119 -27.96 -0.42 -22.37
N SER B 120 -26.92 -1.24 -22.45
CA SER B 120 -25.75 -1.07 -21.58
C SER B 120 -24.66 -0.20 -22.19
N ALA B 121 -24.61 -0.18 -23.52
CA ALA B 121 -23.54 0.56 -24.20
C ALA B 121 -24.04 1.81 -24.89
N TYR B 122 -24.94 1.64 -25.87
CA TYR B 122 -25.40 2.76 -26.68
C TYR B 122 -26.04 3.90 -25.87
N SER B 123 -26.70 3.54 -24.77
CA SER B 123 -27.44 4.51 -23.99
C SER B 123 -26.56 5.62 -23.42
N PHE B 124 -25.30 5.33 -23.10
CA PHE B 124 -24.41 6.33 -22.53
C PHE B 124 -24.14 7.48 -23.52
N PRO B 125 -23.60 7.19 -24.72
CA PRO B 125 -23.45 8.34 -25.62
C PRO B 125 -24.77 8.88 -26.17
N ALA B 126 -25.84 8.10 -26.06
CA ALA B 126 -27.14 8.60 -26.51
C ALA B 126 -27.61 9.73 -25.59
N LEU B 127 -27.54 9.48 -24.29
CA LEU B 127 -27.90 10.47 -23.28
C LEU B 127 -27.00 11.67 -23.38
N ALA B 128 -25.74 11.43 -23.72
CA ALA B 128 -24.78 12.51 -23.82
C ALA B 128 -25.15 13.44 -24.98
N LYS B 129 -25.49 12.83 -26.11
CA LYS B 129 -25.93 13.59 -27.27
C LYS B 129 -27.18 14.38 -26.93
N ALA B 130 -28.11 13.74 -26.24
CA ALA B 130 -29.38 14.38 -25.90
C ALA B 130 -29.22 15.47 -24.84
N ALA B 131 -28.14 15.41 -24.09
CA ALA B 131 -27.89 16.36 -23.00
C ALA B 131 -27.07 17.52 -23.49
N LEU B 132 -26.36 17.30 -24.59
CA LEU B 132 -25.40 18.28 -25.10
C LEU B 132 -25.85 19.76 -25.11
N PRO B 133 -27.05 20.06 -25.67
CA PRO B 133 -27.56 21.44 -25.67
C PRO B 133 -27.48 22.18 -24.34
N MET B 134 -27.80 21.50 -23.24
CA MET B 134 -27.82 22.17 -21.95
C MET B 134 -26.58 21.94 -21.08
N LEU B 135 -25.62 21.12 -21.56
CA LEU B 135 -24.41 20.86 -20.79
C LEU B 135 -23.61 22.13 -20.56
N SER B 136 -23.06 22.29 -19.36
CA SER B 136 -22.20 23.44 -19.07
C SER B 136 -20.80 23.22 -19.60
N ASP B 137 -19.91 24.17 -19.32
CA ASP B 137 -18.52 24.14 -19.81
C ASP B 137 -17.50 23.47 -18.89
N ASP B 138 -17.96 22.94 -17.76
CA ASP B 138 -17.11 22.11 -16.91
C ASP B 138 -17.89 20.87 -16.49
N ALA B 139 -18.95 20.58 -17.26
CA ALA B 139 -19.82 19.43 -17.02
C ALA B 139 -19.03 18.12 -17.08
N SER B 140 -19.63 17.06 -16.54
CA SER B 140 -18.89 15.83 -16.36
C SER B 140 -19.78 14.61 -16.41
N LEU B 141 -19.47 13.68 -17.32
CA LEU B 141 -20.28 12.48 -17.47
C LEU B 141 -19.55 11.29 -16.89
N LEU B 142 -20.31 10.39 -16.28
CA LEU B 142 -19.74 9.24 -15.59
C LEU B 142 -20.59 8.01 -15.80
N THR B 143 -19.97 6.93 -16.26
CA THR B 143 -20.68 5.65 -16.40
C THR B 143 -20.02 4.57 -15.55
N LEU B 144 -20.68 3.44 -15.42
CA LEU B 144 -20.13 2.35 -14.61
C LEU B 144 -19.75 1.16 -15.48
N SER B 145 -18.52 0.67 -15.36
CA SER B 145 -18.15 -0.53 -16.09
C SER B 145 -17.76 -1.65 -15.16
N TYR B 146 -17.31 -2.76 -15.73
CA TYR B 146 -16.86 -3.89 -14.93
C TYR B 146 -15.68 -4.59 -15.61
N LEU B 147 -14.82 -5.21 -14.80
CA LEU B 147 -13.59 -5.85 -15.24
C LEU B 147 -13.80 -6.87 -16.36
N GLY B 148 -15.02 -7.39 -16.45
CA GLY B 148 -15.41 -8.33 -17.48
C GLY B 148 -15.21 -7.79 -18.88
N ALA B 149 -15.09 -6.46 -18.99
CA ALA B 149 -14.76 -5.81 -20.26
C ALA B 149 -13.31 -6.07 -20.65
N GLU B 150 -12.45 -6.16 -19.65
CA GLU B 150 -11.02 -6.24 -19.87
C GLU B 150 -10.59 -7.69 -20.06
N ARG B 151 -11.17 -8.58 -19.27
CA ARG B 151 -10.82 -9.99 -19.30
C ARG B 151 -12.08 -10.84 -19.17
N ALA B 152 -12.01 -12.08 -19.64
CA ALA B 152 -13.17 -12.95 -19.61
C ALA B 152 -13.48 -13.41 -18.20
N ILE B 153 -14.71 -13.17 -17.76
CA ILE B 153 -15.14 -13.57 -16.44
C ILE B 153 -16.35 -14.48 -16.59
N PRO B 154 -16.35 -15.61 -15.85
CA PRO B 154 -17.44 -16.58 -15.84
C PRO B 154 -18.80 -15.89 -15.79
N ASN B 155 -19.73 -16.35 -16.64
CA ASN B 155 -21.11 -15.89 -16.64
C ASN B 155 -21.34 -14.48 -17.12
N TYR B 156 -20.31 -13.63 -17.09
CA TYR B 156 -20.52 -12.23 -17.46
C TYR B 156 -20.78 -12.11 -18.98
N ASN B 157 -20.20 -13.04 -19.75
CA ASN B 157 -20.52 -13.28 -21.15
C ASN B 157 -20.81 -12.05 -22.03
N THR B 158 -22.00 -12.04 -22.64
CA THR B 158 -22.41 -10.96 -23.54
C THR B 158 -22.23 -9.59 -22.88
N MET B 159 -22.43 -9.53 -21.58
CA MET B 159 -22.32 -8.25 -20.88
C MET B 159 -20.89 -7.71 -20.94
N GLY B 160 -19.93 -8.62 -21.02
CA GLY B 160 -18.53 -8.24 -21.12
C GLY B 160 -18.24 -7.50 -22.41
N LEU B 161 -18.94 -7.88 -23.47
CA LEU B 161 -18.70 -7.31 -24.78
C LEU B 161 -19.22 -5.89 -24.78
N ALA B 162 -20.42 -5.73 -24.25
CA ALA B 162 -21.08 -4.42 -24.20
C ALA B 162 -20.28 -3.46 -23.35
N LYS B 163 -19.80 -3.95 -22.21
CA LYS B 163 -18.97 -3.13 -21.35
C LYS B 163 -17.69 -2.68 -22.08
N ALA B 164 -17.12 -3.54 -22.91
CA ALA B 164 -15.98 -3.14 -23.73
C ALA B 164 -16.37 -1.97 -24.62
N ALA B 165 -17.50 -2.11 -25.31
CA ALA B 165 -18.01 -1.05 -26.17
C ALA B 165 -18.26 0.20 -25.34
N LEU B 166 -18.83 0.01 -24.15
CA LEU B 166 -19.11 1.13 -23.26
C LEU B 166 -17.83 1.92 -22.94
N GLU B 167 -16.75 1.21 -22.62
CA GLU B 167 -15.49 1.87 -22.23
C GLU B 167 -14.89 2.60 -23.43
N ALA B 168 -15.07 2.04 -24.62
CA ALA B 168 -14.59 2.69 -25.82
C ALA B 168 -15.38 3.97 -26.02
N SER B 169 -16.66 3.91 -25.69
CA SER B 169 -17.54 5.06 -25.86
C SER B 169 -17.09 6.23 -25.00
N VAL B 170 -16.59 5.93 -23.81
CA VAL B 170 -16.01 6.93 -22.91
C VAL B 170 -14.89 7.68 -23.61
N ARG B 171 -14.07 6.97 -24.37
CA ARG B 171 -12.94 7.59 -25.04
C ARG B 171 -13.40 8.46 -26.21
N TYR B 172 -14.26 7.91 -27.06
CA TYR B 172 -14.78 8.69 -28.16
C TYR B 172 -15.63 9.86 -27.66
N LEU B 173 -16.49 9.61 -26.67
CA LEU B 173 -17.20 10.72 -26.03
C LEU B 173 -16.25 11.84 -25.58
N ALA B 174 -15.12 11.46 -24.96
CA ALA B 174 -14.23 12.44 -24.36
C ALA B 174 -13.59 13.34 -25.40
N VAL B 175 -13.37 12.80 -26.59
CA VAL B 175 -12.79 13.57 -27.67
C VAL B 175 -13.86 14.49 -28.30
N SER B 176 -15.08 13.95 -28.39
CA SER B 176 -16.20 14.67 -28.97
C SER B 176 -16.66 15.84 -28.11
N LEU B 177 -16.64 15.67 -26.79
CA LEU B 177 -17.20 16.68 -25.86
C LEU B 177 -16.16 17.58 -25.19
N GLY B 178 -14.91 17.15 -25.24
CA GLY B 178 -13.86 17.78 -24.46
C GLY B 178 -13.44 19.15 -24.96
N ALA B 179 -13.71 19.46 -26.22
CA ALA B 179 -13.42 20.80 -26.71
C ALA B 179 -14.39 21.78 -26.03
N LYS B 180 -15.58 21.29 -25.68
CA LYS B 180 -16.53 22.12 -24.94
C LYS B 180 -16.19 22.16 -23.44
N GLY B 181 -15.07 21.54 -23.05
CA GLY B 181 -14.66 21.51 -21.66
C GLY B 181 -15.35 20.42 -20.84
N VAL B 182 -16.09 19.54 -21.52
CA VAL B 182 -16.83 18.47 -20.87
C VAL B 182 -16.00 17.20 -20.70
N ARG B 183 -15.94 16.67 -19.48
CA ARG B 183 -15.16 15.47 -19.20
C ARG B 183 -16.04 14.21 -19.15
N VAL B 184 -15.49 13.09 -19.64
CA VAL B 184 -16.21 11.82 -19.65
C VAL B 184 -15.33 10.72 -19.08
N ASN B 185 -15.87 9.96 -18.12
CA ASN B 185 -15.08 8.95 -17.42
C ASN B 185 -15.94 7.76 -17.04
N ALA B 186 -15.30 6.68 -16.63
CA ALA B 186 -16.04 5.54 -16.12
C ALA B 186 -15.42 5.03 -14.82
N ILE B 187 -16.22 4.41 -13.98
CA ILE B 187 -15.68 3.66 -12.86
C ILE B 187 -15.90 2.18 -13.08
N SER B 188 -14.82 1.40 -13.06
CA SER B 188 -14.95 -0.04 -13.13
C SER B 188 -15.02 -0.56 -11.72
N ALA B 189 -16.23 -0.76 -11.24
CA ALA B 189 -16.44 -1.16 -9.85
C ALA B 189 -16.27 -2.66 -9.63
N GLY B 190 -15.70 -3.03 -8.48
CA GLY B 190 -15.69 -4.40 -8.03
C GLY B 190 -17.10 -4.85 -7.71
N PRO B 191 -17.33 -6.18 -7.59
CA PRO B 191 -18.67 -6.74 -7.39
C PRO B 191 -19.37 -6.20 -6.15
N ILE B 192 -20.62 -5.77 -6.32
CA ILE B 192 -21.45 -5.33 -5.19
C ILE B 192 -22.85 -5.96 -5.27
N LYS B 193 -23.28 -6.60 -4.19
CA LYS B 193 -24.61 -7.20 -4.14
C LYS B 193 -25.69 -6.15 -4.34
N THR B 194 -26.16 -6.04 -5.57
CA THR B 194 -27.24 -5.13 -5.92
C THR B 194 -28.29 -5.96 -6.66
N LEU B 195 -29.43 -5.37 -7.02
CA LEU B 195 -30.51 -6.11 -7.68
C LEU B 195 -30.07 -6.73 -9.01
N ALA B 196 -29.30 -5.99 -9.79
CA ALA B 196 -28.86 -6.49 -11.10
C ALA B 196 -27.90 -7.67 -10.96
N ALA B 197 -27.25 -7.74 -9.80
CA ALA B 197 -26.28 -8.80 -9.51
C ALA B 197 -26.95 -10.17 -9.35
N SER B 198 -28.28 -10.16 -9.19
CA SER B 198 -29.06 -11.39 -9.11
C SER B 198 -28.93 -12.22 -10.37
N GLY B 199 -28.93 -11.55 -11.52
CA GLY B 199 -28.86 -12.22 -12.81
C GLY B 199 -27.49 -12.82 -13.14
N ILE B 200 -26.54 -12.66 -12.22
CA ILE B 200 -25.24 -13.26 -12.36
C ILE B 200 -25.21 -14.58 -11.57
N LYS B 201 -25.13 -15.70 -12.29
CA LYS B 201 -24.99 -17.00 -11.63
C LYS B 201 -23.69 -17.01 -10.82
N SER B 202 -23.77 -17.46 -9.57
CA SER B 202 -22.59 -17.55 -8.69
C SER B 202 -21.89 -16.21 -8.50
N PHE B 203 -22.68 -15.16 -8.33
CA PHE B 203 -22.16 -13.86 -7.95
C PHE B 203 -21.45 -14.02 -6.62
N GLY B 204 -22.01 -14.89 -5.77
CA GLY B 204 -21.49 -15.12 -4.44
C GLY B 204 -20.09 -15.68 -4.50
N LYS B 205 -19.82 -16.49 -5.51
CA LYS B 205 -18.50 -17.07 -5.69
C LYS B 205 -17.48 -15.96 -6.04
N ILE B 206 -17.85 -15.08 -6.96
CA ILE B 206 -17.03 -13.93 -7.32
C ILE B 206 -16.73 -13.08 -6.09
N LEU B 207 -17.79 -12.79 -5.34
CA LEU B 207 -17.71 -11.95 -4.15
C LEU B 207 -16.74 -12.51 -3.12
N ASP B 208 -16.75 -13.82 -2.94
CA ASP B 208 -15.86 -14.45 -1.98
C ASP B 208 -14.45 -14.42 -2.52
N PHE B 209 -14.34 -14.60 -3.83
CA PHE B 209 -13.04 -14.70 -4.46
C PHE B 209 -12.29 -13.39 -4.30
N VAL B 210 -12.98 -12.28 -4.55
CA VAL B 210 -12.34 -10.98 -4.50
C VAL B 210 -12.03 -10.55 -3.07
N GLU B 211 -12.88 -10.92 -2.12
CA GLU B 211 -12.62 -10.64 -0.71
C GLU B 211 -11.37 -11.40 -0.29
N SER B 212 -11.16 -12.57 -0.89
CA SER B 212 -10.02 -13.38 -0.52
C SER B 212 -8.76 -12.97 -1.29
N ASN B 213 -8.94 -12.38 -2.47
CA ASN B 213 -7.82 -12.18 -3.38
C ASN B 213 -7.45 -10.74 -3.75
N SER B 214 -8.36 -9.79 -3.56
CA SER B 214 -8.02 -8.39 -3.77
C SER B 214 -6.88 -8.04 -2.86
N PRO B 215 -6.05 -7.06 -3.25
CA PRO B 215 -4.95 -6.61 -2.40
C PRO B 215 -5.43 -6.13 -1.03
N LEU B 216 -6.52 -5.36 -0.99
CA LEU B 216 -7.06 -4.90 0.32
C LEU B 216 -7.84 -5.98 1.06
N LYS B 217 -7.98 -7.16 0.43
CA LYS B 217 -8.70 -8.31 1.00
C LYS B 217 -10.13 -7.98 1.40
N ARG B 218 -10.79 -7.08 0.69
CA ARG B 218 -12.14 -6.71 1.07
C ARG B 218 -12.91 -6.23 -0.13
N ASN B 219 -14.23 -6.40 -0.09
CA ASN B 219 -15.10 -5.98 -1.18
C ASN B 219 -15.36 -4.50 -1.08
N VAL B 220 -15.75 -3.90 -2.20
CA VAL B 220 -16.03 -2.47 -2.22
C VAL B 220 -17.50 -2.20 -1.92
N THR B 221 -17.78 -1.05 -1.32
CA THR B 221 -19.13 -0.68 -1.00
C THR B 221 -19.62 0.39 -1.96
N ILE B 222 -20.92 0.61 -2.05
CA ILE B 222 -21.44 1.68 -2.89
C ILE B 222 -20.99 3.05 -2.36
N GLU B 223 -20.64 3.11 -1.07
CA GLU B 223 -20.09 4.33 -0.47
C GLU B 223 -18.70 4.62 -1.06
N GLN B 224 -17.93 3.57 -1.27
CA GLN B 224 -16.60 3.73 -1.83
C GLN B 224 -16.66 4.12 -3.30
N VAL B 225 -17.57 3.51 -4.03
CA VAL B 225 -17.75 3.85 -5.42
C VAL B 225 -18.34 5.24 -5.51
N GLY B 226 -19.33 5.51 -4.67
CA GLY B 226 -19.99 6.80 -4.62
C GLY B 226 -19.03 7.94 -4.39
N ASN B 227 -18.13 7.76 -3.44
CA ASN B 227 -17.09 8.73 -3.15
C ASN B 227 -16.20 9.04 -4.36
N ALA B 228 -15.78 7.99 -5.06
CA ALA B 228 -15.00 8.13 -6.28
C ALA B 228 -15.77 8.84 -7.39
N GLY B 229 -17.04 8.49 -7.53
CA GLY B 229 -17.90 9.12 -8.52
C GLY B 229 -18.03 10.61 -8.29
N ALA B 230 -18.31 11.01 -7.05
CA ALA B 230 -18.37 12.41 -6.67
C ALA B 230 -17.13 13.16 -7.12
N PHE B 231 -15.97 12.60 -6.80
CA PHE B 231 -14.68 13.16 -7.21
C PHE B 231 -14.64 13.42 -8.70
N LEU B 232 -14.90 12.37 -9.47
CA LEU B 232 -14.87 12.44 -10.92
C LEU B 232 -15.86 13.47 -11.47
N LEU B 233 -17.00 13.57 -10.81
CA LEU B 233 -18.03 14.53 -11.20
C LEU B 233 -17.64 15.95 -10.84
N SER B 234 -16.70 16.09 -9.90
CA SER B 234 -16.34 17.40 -9.36
C SER B 234 -15.17 18.05 -10.09
N ASP B 235 -14.93 19.33 -9.79
CA ASP B 235 -13.84 20.04 -10.44
C ASP B 235 -12.48 19.63 -9.93
N LEU B 236 -12.45 18.79 -8.90
CA LEU B 236 -11.21 18.19 -8.42
C LEU B 236 -10.62 17.29 -9.51
N ALA B 237 -11.49 16.70 -10.31
CA ALA B 237 -11.08 15.84 -11.41
C ALA B 237 -11.05 16.59 -12.73
N SER B 238 -10.84 17.90 -12.67
CA SER B 238 -10.90 18.70 -13.88
C SER B 238 -9.81 18.35 -14.91
N GLY B 239 -8.71 17.74 -14.47
CA GLY B 239 -7.68 17.30 -15.40
C GLY B 239 -7.88 15.87 -15.90
N VAL B 240 -9.02 15.27 -15.59
CA VAL B 240 -9.21 13.85 -15.84
C VAL B 240 -10.40 13.62 -16.75
N THR B 241 -10.15 13.00 -17.90
CA THR B 241 -11.21 12.61 -18.82
C THR B 241 -10.73 11.40 -19.61
N ALA B 242 -11.68 10.65 -20.18
CA ALA B 242 -11.39 9.45 -20.98
C ALA B 242 -10.77 8.35 -20.12
N GLU B 243 -11.04 8.42 -18.83
CA GLU B 243 -10.44 7.49 -17.90
C GLU B 243 -11.43 6.42 -17.46
N VAL B 244 -10.95 5.19 -17.36
CA VAL B 244 -11.70 4.15 -16.70
C VAL B 244 -11.00 3.85 -15.39
N MET B 245 -11.61 4.26 -14.28
CA MET B 245 -11.02 4.19 -12.96
C MET B 245 -11.48 2.95 -12.18
N HIS B 246 -10.56 2.05 -11.83
CA HIS B 246 -10.93 0.88 -11.04
C HIS B 246 -11.20 1.26 -9.60
N VAL B 247 -12.39 0.97 -9.13
CA VAL B 247 -12.65 1.00 -7.69
C VAL B 247 -13.09 -0.39 -7.27
N ASP B 248 -12.13 -1.24 -6.97
CA ASP B 248 -12.38 -2.66 -6.80
C ASP B 248 -11.44 -3.27 -5.77
N SER B 249 -10.99 -2.45 -4.84
CA SER B 249 -9.97 -2.85 -3.88
C SER B 249 -8.70 -3.40 -4.51
N GLY B 250 -8.50 -3.10 -5.79
CA GLY B 250 -7.27 -3.45 -6.50
C GLY B 250 -7.32 -4.78 -7.21
N PHE B 251 -8.49 -5.40 -7.22
CA PHE B 251 -8.64 -6.75 -7.73
C PHE B 251 -8.13 -6.94 -9.18
N ASN B 252 -8.45 -5.99 -10.06
CA ASN B 252 -8.04 -6.02 -11.46
C ASN B 252 -6.55 -6.24 -11.67
N ALA B 253 -5.75 -5.81 -10.69
CA ALA B 253 -4.31 -5.69 -10.85
C ALA B 253 -3.55 -6.94 -10.43
N VAL B 254 -4.27 -7.93 -9.95
CA VAL B 254 -3.60 -9.13 -9.48
C VAL B 254 -4.04 -10.40 -10.24
N VAL B 255 -3.23 -11.43 -10.13
CA VAL B 255 -3.65 -12.76 -10.55
C VAL B 255 -3.86 -13.57 -9.27
N GLY B 256 -5.12 -13.69 -8.86
CA GLY B 256 -5.42 -14.31 -7.59
C GLY B 256 -5.71 -15.80 -7.72
N GLY B 257 -5.72 -16.49 -6.59
CA GLY B 257 -6.16 -17.88 -6.51
C GLY B 257 -5.04 -18.90 -6.46
N MET B 258 -3.82 -18.46 -6.70
CA MET B 258 -2.69 -19.38 -6.83
C MET B 258 -1.96 -19.59 -5.52
N GLY C 2 1.59 -26.91 9.28
CA GLY C 2 3.04 -26.83 9.27
C GLY C 2 3.66 -27.70 10.36
N PHE C 3 4.98 -27.73 10.44
CA PHE C 3 5.65 -28.58 11.43
C PHE C 3 5.71 -27.98 12.82
N LEU C 4 4.80 -27.06 13.11
CA LEU C 4 4.66 -26.52 14.46
C LEU C 4 3.19 -26.41 14.84
N ASP C 5 2.33 -27.12 14.11
CA ASP C 5 0.90 -27.19 14.45
C ASP C 5 0.72 -27.53 15.94
N GLY C 6 -0.05 -26.71 16.64
CA GLY C 6 -0.40 -26.97 18.02
C GLY C 6 0.65 -26.63 19.03
N LYS C 7 1.80 -26.15 18.57
CA LYS C 7 2.84 -25.73 19.51
C LYS C 7 2.58 -24.32 20.05
N ARG C 8 2.72 -24.15 21.35
CA ARG C 8 2.50 -22.88 22.01
C ARG C 8 3.84 -22.32 22.45
N ILE C 9 4.24 -21.21 21.82
CA ILE C 9 5.58 -20.66 21.97
C ILE C 9 5.61 -19.21 22.47
N LEU C 10 6.31 -18.99 23.58
CA LEU C 10 6.52 -17.67 24.13
C LEU C 10 7.80 -17.09 23.55
N LEU C 11 7.72 -15.89 22.98
CA LEU C 11 8.86 -15.24 22.38
C LEU C 11 9.22 -13.97 23.14
N THR C 12 10.52 -13.75 23.34
CA THR C 12 10.99 -12.48 23.91
C THR C 12 11.84 -11.70 22.89
N GLY C 13 12.14 -10.45 23.20
CA GLY C 13 13.05 -9.68 22.35
C GLY C 13 12.51 -9.14 21.03
N LEU C 14 11.21 -9.25 20.80
CA LEU C 14 10.63 -8.65 19.60
C LEU C 14 10.46 -7.14 19.81
N LEU C 15 11.43 -6.39 19.32
CA LEU C 15 11.42 -4.95 19.55
C LEU C 15 11.02 -4.19 18.30
N SER C 16 11.45 -4.66 17.13
CA SER C 16 11.08 -4.06 15.86
C SER C 16 10.84 -5.13 14.81
N ASN C 17 10.54 -4.73 13.58
CA ASN C 17 10.35 -5.71 12.51
C ASN C 17 11.70 -6.18 11.99
N ARG C 18 12.77 -5.62 12.51
CA ARG C 18 14.10 -6.04 12.10
C ARG C 18 14.68 -7.05 13.08
N SER C 19 14.06 -7.14 14.27
CA SER C 19 14.49 -8.04 15.34
C SER C 19 14.64 -9.47 14.86
N ILE C 20 15.63 -10.18 15.43
CA ILE C 20 15.78 -11.61 15.18
C ILE C 20 14.54 -12.37 15.65
N ALA C 21 13.91 -11.87 16.71
CA ALA C 21 12.68 -12.49 17.24
C ALA C 21 11.49 -12.29 16.32
N TYR C 22 11.53 -11.21 15.55
CA TYR C 22 10.47 -10.97 14.59
C TYR C 22 10.54 -12.05 13.51
N GLY C 23 11.75 -12.33 13.03
CA GLY C 23 11.98 -13.41 12.09
C GLY C 23 11.53 -14.77 12.60
N ILE C 24 11.90 -15.09 13.84
CA ILE C 24 11.50 -16.38 14.43
C ILE C 24 9.98 -16.48 14.53
N ALA C 25 9.34 -15.36 14.85
CA ALA C 25 7.89 -15.35 15.00
C ALA C 25 7.20 -15.62 13.69
N LYS C 26 7.62 -14.93 12.63
CA LYS C 26 7.02 -15.14 11.32
C LYS C 26 7.09 -16.62 10.94
N ALA C 27 8.30 -17.18 11.09
CA ALA C 27 8.54 -18.56 10.70
C ALA C 27 7.67 -19.52 11.52
N CYS C 28 7.56 -19.26 12.83
CA CYS C 28 6.75 -20.11 13.72
C CYS C 28 5.28 -20.02 13.38
N LYS C 29 4.76 -18.81 13.30
CA LYS C 29 3.36 -18.60 12.98
C LYS C 29 3.05 -19.33 11.67
N ARG C 30 3.89 -19.11 10.67
CA ARG C 30 3.77 -19.78 9.39
C ARG C 30 3.64 -21.29 9.51
N GLU C 31 4.31 -21.89 10.48
CA GLU C 31 4.29 -23.34 10.62
C GLU C 31 3.20 -23.88 11.55
N GLY C 32 2.30 -23.02 12.00
CA GLY C 32 1.13 -23.47 12.74
C GLY C 32 1.18 -23.24 14.24
N ALA C 33 2.17 -22.48 14.68
CA ALA C 33 2.38 -22.25 16.09
C ALA C 33 1.44 -21.18 16.63
N GLU C 34 1.11 -21.30 17.90
CA GLU C 34 0.37 -20.27 18.61
C GLU C 34 1.36 -19.50 19.47
N LEU C 35 1.39 -18.17 19.34
CA LEU C 35 2.45 -17.38 19.95
C LEU C 35 2.02 -16.45 21.09
N ALA C 36 2.99 -16.11 21.94
CA ALA C 36 2.82 -15.08 22.95
C ALA C 36 4.12 -14.30 23.01
N PHE C 37 4.07 -13.05 23.48
CA PHE C 37 5.24 -12.18 23.46
C PHE C 37 5.46 -11.42 24.76
N THR C 38 6.71 -11.08 25.05
CA THR C 38 7.01 -10.17 26.14
C THR C 38 7.53 -8.83 25.63
N TYR C 39 7.61 -7.87 26.55
CA TYR C 39 8.12 -6.52 26.27
C TYR C 39 8.72 -5.93 27.54
N VAL C 40 9.52 -4.87 27.38
CA VAL C 40 10.15 -4.21 28.52
C VAL C 40 9.59 -2.82 28.73
N GLY C 41 8.89 -2.63 29.85
CA GLY C 41 8.37 -1.33 30.24
C GLY C 41 6.99 -1.04 29.69
N ASP C 42 6.29 -0.13 30.35
CA ASP C 42 4.93 0.22 29.97
C ASP C 42 4.91 0.94 28.63
N ARG C 43 6.00 1.62 28.29
CA ARG C 43 6.05 2.48 27.10
C ARG C 43 6.23 1.72 25.78
N PHE C 44 6.43 0.41 25.89
CA PHE C 44 6.54 -0.45 24.69
C PHE C 44 5.35 -1.36 24.54
N LYS C 45 4.41 -1.26 25.49
CA LYS C 45 3.24 -2.15 25.58
C LYS C 45 2.35 -2.07 24.36
N ASP C 46 2.14 -0.85 23.87
CA ASP C 46 1.31 -0.63 22.70
C ASP C 46 1.92 -1.23 21.43
N ARG C 47 3.24 -1.12 21.26
CA ARG C 47 3.89 -1.64 20.06
C ARG C 47 3.83 -3.16 19.96
N ILE C 48 4.14 -3.85 21.05
CA ILE C 48 4.15 -5.30 21.05
C ILE C 48 2.73 -5.85 20.93
N THR C 49 1.75 -5.07 21.37
CA THR C 49 0.36 -5.49 21.26
C THR C 49 -0.03 -5.49 19.79
N GLU C 50 0.51 -4.52 19.04
CA GLU C 50 0.29 -4.49 17.60
C GLU C 50 0.99 -5.66 16.96
N PHE C 51 2.26 -5.85 17.31
CA PHE C 51 3.03 -6.93 16.77
C PHE C 51 2.34 -8.26 17.01
N ALA C 52 1.86 -8.46 18.23
CA ALA C 52 1.23 -9.73 18.59
C ALA C 52 -0.04 -9.91 17.78
N ALA C 53 -0.76 -8.81 17.58
CA ALA C 53 -1.97 -8.83 16.74
C ALA C 53 -1.67 -9.37 15.32
N GLU C 54 -0.56 -8.90 14.76
CA GLU C 54 -0.11 -9.33 13.43
C GLU C 54 0.16 -10.84 13.35
N PHE C 55 0.53 -11.43 14.48
CA PHE C 55 0.68 -12.89 14.53
C PHE C 55 -0.57 -13.57 15.09
N GLY C 56 -1.66 -12.82 15.14
CA GLY C 56 -2.95 -13.31 15.60
C GLY C 56 -2.96 -13.67 17.07
N SER C 57 -2.28 -12.87 17.88
CA SER C 57 -2.14 -13.19 19.29
C SER C 57 -2.48 -11.98 20.16
N GLU C 58 -3.12 -12.26 21.30
CA GLU C 58 -3.57 -11.22 22.20
C GLU C 58 -2.77 -11.35 23.49
N LEU C 59 -1.62 -12.02 23.39
CA LEU C 59 -0.86 -12.36 24.59
C LEU C 59 0.47 -11.65 24.67
N VAL C 60 0.47 -10.53 25.37
CA VAL C 60 1.69 -9.78 25.62
C VAL C 60 1.87 -9.61 27.13
N PHE C 61 3.11 -9.68 27.58
CA PHE C 61 3.38 -9.64 29.00
C PHE C 61 4.68 -8.90 29.27
N PRO C 62 4.69 -8.05 30.29
CA PRO C 62 5.92 -7.32 30.60
C PRO C 62 6.97 -8.23 31.24
N CYS C 63 8.23 -7.97 30.96
CA CYS C 63 9.32 -8.70 31.58
C CYS C 63 10.69 -8.03 31.34
N ASP C 64 11.09 -7.20 32.30
CA ASP C 64 12.47 -6.79 32.41
C ASP C 64 13.16 -7.92 33.17
N VAL C 65 14.01 -8.66 32.47
CA VAL C 65 14.61 -9.85 33.05
C VAL C 65 15.63 -9.52 34.10
N ALA C 66 15.78 -8.24 34.42
CA ALA C 66 16.67 -7.84 35.49
C ALA C 66 15.94 -7.99 36.81
N ASP C 67 14.62 -8.11 36.72
CA ASP C 67 13.77 -8.09 37.89
C ASP C 67 13.15 -9.47 38.10
N ASP C 68 13.49 -10.11 39.22
CA ASP C 68 12.91 -11.38 39.64
C ASP C 68 11.39 -11.38 39.62
N ALA C 69 10.80 -10.31 40.14
CA ALA C 69 9.35 -10.26 40.31
C ALA C 69 8.63 -10.39 38.99
N GLN C 70 9.13 -9.70 37.97
CA GLN C 70 8.52 -9.69 36.65
C GLN C 70 8.69 -11.04 35.98
N ILE C 71 9.87 -11.64 36.14
CA ILE C 71 10.10 -12.99 35.62
C ILE C 71 9.07 -13.98 36.18
N ASP C 72 8.94 -14.01 37.51
CA ASP C 72 7.99 -14.88 38.17
C ASP C 72 6.56 -14.58 37.77
N ALA C 73 6.24 -13.31 37.59
CA ALA C 73 4.89 -12.89 37.24
C ALA C 73 4.56 -13.17 35.78
N LEU C 74 5.58 -13.22 34.93
CA LEU C 74 5.39 -13.54 33.52
C LEU C 74 4.69 -14.90 33.35
N PHE C 75 5.21 -15.92 34.02
CA PHE C 75 4.65 -17.26 33.91
C PHE C 75 3.42 -17.41 34.78
N ALA C 76 3.29 -16.55 35.78
CA ALA C 76 2.07 -16.51 36.59
C ALA C 76 0.91 -16.07 35.70
N SER C 77 1.17 -15.06 34.87
CA SER C 77 0.20 -14.53 33.93
C SER C 77 -0.04 -15.51 32.81
N LEU C 78 1.04 -15.99 32.22
CA LEU C 78 0.96 -16.94 31.12
C LEU C 78 0.12 -18.15 31.49
N LYS C 79 0.26 -18.60 32.74
CA LYS C 79 -0.46 -19.76 33.24
C LYS C 79 -1.97 -19.60 33.11
N THR C 80 -2.44 -18.35 33.26
CA THR C 80 -3.87 -18.08 33.24
C THR C 80 -4.46 -18.19 31.84
N HIS C 81 -3.60 -18.18 30.83
CA HIS C 81 -4.05 -18.28 29.45
C HIS C 81 -3.68 -19.64 28.90
N TRP C 82 -2.42 -20.01 29.03
CA TRP C 82 -1.96 -21.31 28.56
C TRP C 82 -1.75 -22.30 29.68
N ASP C 83 -2.15 -23.52 29.38
CA ASP C 83 -2.01 -24.63 30.30
C ASP C 83 -0.55 -25.01 30.43
N SER C 84 0.17 -24.98 29.31
CA SER C 84 1.56 -25.38 29.28
C SER C 84 2.27 -24.63 28.17
N LEU C 85 3.59 -24.75 28.11
CA LEU C 85 4.41 -24.07 27.10
C LEU C 85 5.31 -25.08 26.36
N ASP C 86 5.37 -24.97 25.03
CA ASP C 86 6.10 -25.93 24.19
C ASP C 86 7.37 -25.31 23.62
N GLY C 87 7.46 -23.99 23.72
CA GLY C 87 8.59 -23.27 23.16
C GLY C 87 8.88 -21.98 23.87
N LEU C 88 10.15 -21.73 24.12
CA LEU C 88 10.55 -20.47 24.70
C LEU C 88 11.71 -19.91 23.90
N VAL C 89 11.51 -18.71 23.36
CA VAL C 89 12.57 -18.04 22.64
C VAL C 89 13.16 -16.92 23.50
N HIS C 90 14.48 -16.99 23.69
CA HIS C 90 15.23 -16.02 24.45
C HIS C 90 16.09 -15.28 23.43
N SER C 91 15.67 -14.07 23.11
CA SER C 91 16.34 -13.31 22.07
C SER C 91 16.64 -11.96 22.67
N ILE C 92 17.37 -11.99 23.78
CA ILE C 92 17.55 -10.84 24.65
C ILE C 92 19.04 -10.69 24.93
N GLY C 93 19.51 -9.45 24.97
CA GLY C 93 20.84 -9.14 25.42
C GLY C 93 20.92 -7.66 25.71
N PHE C 94 21.92 -7.27 26.50
CA PHE C 94 22.27 -5.89 26.71
C PHE C 94 23.68 -5.80 27.27
N ALA C 95 24.40 -4.74 26.89
CA ALA C 95 25.66 -4.40 27.53
C ALA C 95 25.77 -2.90 27.43
N PRO C 96 26.24 -2.26 28.51
CA PRO C 96 26.52 -0.83 28.49
C PRO C 96 27.41 -0.50 27.29
N ARG C 97 27.08 0.61 26.63
CA ARG C 97 27.67 0.98 25.37
C ARG C 97 29.19 0.97 25.42
N GLU C 98 29.75 1.52 26.50
CA GLU C 98 31.20 1.59 26.69
C GLU C 98 31.83 0.20 26.62
N ALA C 99 31.09 -0.80 27.10
CA ALA C 99 31.63 -2.15 27.26
C ALA C 99 31.66 -2.92 25.94
N ILE C 100 31.04 -2.37 24.91
CA ILE C 100 31.01 -2.99 23.58
C ILE C 100 31.49 -1.96 22.56
N ALA C 101 32.43 -1.13 23.01
CA ALA C 101 32.99 -0.10 22.14
C ALA C 101 34.47 0.04 22.45
N GLY C 102 35.29 0.10 21.42
CA GLY C 102 36.72 0.28 21.58
C GLY C 102 37.45 -0.90 22.19
N ASP C 103 38.40 -0.57 23.06
CA ASP C 103 39.22 -1.59 23.71
C ASP C 103 38.47 -2.30 24.82
N PHE C 104 38.67 -3.60 24.90
CA PHE C 104 38.07 -4.45 25.92
C PHE C 104 38.27 -3.90 27.34
N LEU C 105 39.52 -3.67 27.72
CA LEU C 105 39.82 -3.22 29.08
C LEU C 105 39.30 -1.82 29.42
N ASP C 106 39.32 -0.92 28.45
CA ASP C 106 38.85 0.44 28.65
C ASP C 106 37.38 0.50 29.05
N GLY C 107 36.55 -0.33 28.44
CA GLY C 107 35.13 -0.30 28.74
C GLY C 107 34.75 -1.26 29.87
N LEU C 108 35.76 -1.79 30.56
CA LEU C 108 35.54 -2.80 31.61
C LEU C 108 35.40 -2.16 33.00
N THR C 109 34.27 -2.40 33.66
CA THR C 109 34.06 -2.05 35.06
C THR C 109 33.32 -3.23 35.64
N ARG C 110 33.37 -3.42 36.95
CA ARG C 110 32.64 -4.54 37.57
C ARG C 110 31.16 -4.45 37.24
N GLU C 111 30.66 -3.21 37.19
CA GLU C 111 29.25 -2.98 36.94
C GLU C 111 28.83 -3.35 35.53
N ASN C 112 29.59 -2.90 34.54
CA ASN C 112 29.33 -3.26 33.15
C ASN C 112 29.35 -4.79 32.98
N PHE C 113 30.37 -5.41 33.55
CA PHE C 113 30.48 -6.86 33.51
C PHE C 113 29.25 -7.49 34.11
N ARG C 114 28.91 -7.09 35.34
CA ARG C 114 27.75 -7.64 36.02
C ARG C 114 26.48 -7.52 35.17
N ILE C 115 26.29 -6.34 34.58
CA ILE C 115 25.08 -6.04 33.82
C ILE C 115 24.99 -6.85 32.53
N ALA C 116 26.07 -6.91 31.77
CA ALA C 116 26.04 -7.66 30.52
C ALA C 116 25.67 -9.13 30.81
N HIS C 117 26.32 -9.71 31.82
CA HIS C 117 26.12 -11.10 32.17
C HIS C 117 24.76 -11.34 32.78
N ASP C 118 24.34 -10.43 33.66
CA ASP C 118 23.00 -10.48 34.23
C ASP C 118 21.94 -10.61 33.13
N ILE C 119 21.94 -9.64 32.20
CA ILE C 119 20.90 -9.53 31.21
C ILE C 119 21.02 -10.51 30.04
N SER C 120 22.26 -10.80 29.61
CA SER C 120 22.46 -11.55 28.39
C SER C 120 22.70 -13.03 28.65
N ALA C 121 23.23 -13.34 29.82
CA ALA C 121 23.55 -14.74 30.14
C ALA C 121 22.60 -15.34 31.18
N TYR C 122 22.53 -14.74 32.36
CA TYR C 122 21.72 -15.31 33.47
C TYR C 122 20.25 -15.44 33.11
N SER C 123 19.74 -14.51 32.33
CA SER C 123 18.32 -14.47 32.07
C SER C 123 17.78 -15.74 31.40
N PHE C 124 18.61 -16.42 30.61
CA PHE C 124 18.14 -17.58 29.86
C PHE C 124 17.81 -18.73 30.82
N PRO C 125 18.79 -19.21 31.59
CA PRO C 125 18.35 -20.20 32.57
C PRO C 125 17.39 -19.67 33.67
N ALA C 126 17.26 -18.35 33.82
CA ALA C 126 16.34 -17.85 34.85
C ALA C 126 14.93 -18.05 34.39
N LEU C 127 14.68 -17.70 33.13
CA LEU C 127 13.39 -17.91 32.49
C LEU C 127 13.04 -19.41 32.43
N ALA C 128 14.06 -20.23 32.25
CA ALA C 128 13.85 -21.65 32.10
C ALA C 128 13.39 -22.23 33.44
N LYS C 129 14.05 -21.82 34.51
CA LYS C 129 13.63 -22.18 35.85
C LYS C 129 12.22 -21.72 36.15
N ALA C 130 11.89 -20.49 35.76
CA ALA C 130 10.58 -19.93 36.08
C ALA C 130 9.51 -20.57 35.23
N ALA C 131 9.91 -21.16 34.11
CA ALA C 131 8.97 -21.75 33.15
C ALA C 131 8.75 -23.22 33.46
N LEU C 132 9.70 -23.80 34.15
CA LEU C 132 9.73 -25.23 34.41
C LEU C 132 8.38 -25.87 34.79
N PRO C 133 7.65 -25.29 35.78
CA PRO C 133 6.35 -25.84 36.21
C PRO C 133 5.37 -26.10 35.08
N MET C 134 5.36 -25.25 34.06
CA MET C 134 4.37 -25.40 33.01
C MET C 134 4.94 -25.96 31.70
N LEU C 135 6.25 -26.18 31.64
CA LEU C 135 6.82 -26.78 30.45
C LEU C 135 6.24 -28.16 30.16
N SER C 136 5.98 -28.44 28.88
CA SER C 136 5.54 -29.75 28.45
C SER C 136 6.70 -30.75 28.35
N ASP C 137 6.38 -31.98 27.95
CA ASP C 137 7.40 -33.03 27.86
C ASP C 137 8.13 -33.13 26.51
N ASP C 138 7.81 -32.26 25.57
CA ASP C 138 8.62 -32.17 24.35
C ASP C 138 8.97 -30.74 24.08
N ALA C 139 8.86 -29.93 25.13
CA ALA C 139 9.13 -28.49 25.07
C ALA C 139 10.55 -28.20 24.62
N SER C 140 10.79 -26.96 24.18
CA SER C 140 12.07 -26.66 23.58
C SER C 140 12.48 -25.22 23.79
N LEU C 141 13.68 -24.99 24.33
CA LEU C 141 14.17 -23.64 24.60
C LEU C 141 15.24 -23.27 23.59
N LEU C 142 15.27 -22.00 23.21
CA LEU C 142 16.18 -21.55 22.18
C LEU C 142 16.67 -20.14 22.53
N THR C 143 17.99 -19.98 22.52
CA THR C 143 18.57 -18.67 22.74
C THR C 143 19.44 -18.26 21.55
N LEU C 144 19.87 -17.01 21.51
CA LEU C 144 20.67 -16.50 20.40
C LEU C 144 22.08 -16.20 20.86
N SER C 145 23.08 -16.76 20.21
CA SER C 145 24.45 -16.36 20.54
C SER C 145 25.17 -15.72 19.35
N TYR C 146 26.45 -15.41 19.54
CA TYR C 146 27.26 -14.85 18.48
C TYR C 146 28.70 -15.39 18.55
N LEU C 147 29.35 -15.45 17.39
CA LEU C 147 30.69 -16.01 17.24
C LEU C 147 31.70 -15.40 18.20
N GLY C 148 31.39 -14.20 18.69
CA GLY C 148 32.26 -13.48 19.61
C GLY C 148 32.48 -14.25 20.90
N ALA C 149 31.62 -15.24 21.15
CA ALA C 149 31.79 -16.17 22.26
C ALA C 149 32.97 -17.10 22.03
N GLU C 150 33.16 -17.50 20.76
CA GLU C 150 34.15 -18.54 20.43
C GLU C 150 35.50 -17.93 20.19
N ARG C 151 35.54 -16.75 19.59
CA ARG C 151 36.78 -16.07 19.25
C ARG C 151 36.65 -14.56 19.46
N ALA C 152 37.77 -13.88 19.66
CA ALA C 152 37.73 -12.45 19.95
C ALA C 152 37.39 -11.64 18.70
N ILE C 153 36.35 -10.86 18.81
CA ILE C 153 35.91 -10.02 17.72
C ILE C 153 35.94 -8.58 18.20
N PRO C 154 36.53 -7.69 17.38
CA PRO C 154 36.62 -6.25 17.63
C PRO C 154 35.32 -5.70 18.23
N ASN C 155 35.44 -4.92 19.30
CA ASN C 155 34.30 -4.21 19.88
C ASN C 155 33.30 -5.09 20.60
N TYR C 156 33.31 -6.40 20.34
CA TYR C 156 32.25 -7.21 20.93
C TYR C 156 32.55 -7.35 22.42
N ASN C 157 33.83 -7.36 22.78
CA ASN C 157 34.32 -7.22 24.15
C ASN C 157 33.56 -7.99 25.24
N THR C 158 33.11 -7.26 26.25
CA THR C 158 32.40 -7.83 27.38
C THR C 158 31.26 -8.74 26.95
N MET C 159 30.62 -8.37 25.85
CA MET C 159 29.50 -9.16 25.35
C MET C 159 29.93 -10.58 24.94
N GLY C 160 31.18 -10.71 24.51
CA GLY C 160 31.76 -11.97 24.11
C GLY C 160 31.85 -12.90 25.30
N LEU C 161 32.10 -12.35 26.47
CA LEU C 161 32.28 -13.16 27.65
C LEU C 161 30.93 -13.69 28.05
N ALA C 162 29.94 -12.80 28.09
CA ALA C 162 28.60 -13.19 28.46
C ALA C 162 28.04 -14.22 27.48
N LYS C 163 28.30 -14.05 26.20
CA LYS C 163 27.86 -15.08 25.24
C LYS C 163 28.52 -16.43 25.50
N ALA C 164 29.78 -16.45 25.90
CA ALA C 164 30.42 -17.71 26.29
C ALA C 164 29.63 -18.36 27.45
N ALA C 165 29.34 -17.58 28.48
CA ALA C 165 28.56 -18.06 29.62
C ALA C 165 27.21 -18.54 29.15
N LEU C 166 26.61 -17.79 28.22
CA LEU C 166 25.31 -18.17 27.69
C LEU C 166 25.34 -19.55 27.03
N GLU C 167 26.35 -19.77 26.20
CA GLU C 167 26.45 -21.05 25.48
C GLU C 167 26.68 -22.24 26.48
N ALA C 168 27.45 -21.96 27.54
CA ALA C 168 27.68 -22.94 28.55
C ALA C 168 26.35 -23.27 29.21
N SER C 169 25.52 -22.24 29.36
CA SER C 169 24.22 -22.38 30.03
C SER C 169 23.30 -23.32 29.26
N VAL C 170 23.40 -23.27 27.93
CA VAL C 170 22.67 -24.18 27.05
C VAL C 170 23.02 -25.63 27.37
N ARG C 171 24.30 -25.88 27.67
CA ARG C 171 24.71 -27.23 27.94
C ARG C 171 24.19 -27.71 29.32
N TYR C 172 24.41 -26.90 30.34
CA TYR C 172 23.94 -27.24 31.67
C TYR C 172 22.43 -27.27 31.68
N LEU C 173 21.78 -26.31 31.03
CA LEU C 173 20.33 -26.40 30.93
C LEU C 173 19.85 -27.72 30.30
N ALA C 174 20.57 -28.19 29.29
CA ALA C 174 20.14 -29.36 28.53
C ALA C 174 20.19 -30.62 29.38
N VAL C 175 21.13 -30.66 30.31
CA VAL C 175 21.29 -31.79 31.20
C VAL C 175 20.24 -31.73 32.30
N SER C 176 19.98 -30.52 32.76
CA SER C 176 19.05 -30.29 33.86
C SER C 176 17.60 -30.51 33.42
N LEU C 177 17.29 -30.17 32.17
CA LEU C 177 15.90 -30.26 31.70
C LEU C 177 15.61 -31.49 30.83
N GLY C 178 16.64 -32.17 30.36
CA GLY C 178 16.45 -33.15 29.32
C GLY C 178 15.81 -34.44 29.81
N ALA C 179 15.91 -34.71 31.10
CA ALA C 179 15.26 -35.90 31.66
C ALA C 179 13.77 -35.71 31.55
N LYS C 180 13.32 -34.45 31.58
CA LYS C 180 11.90 -34.15 31.43
C LYS C 180 11.48 -34.13 29.94
N GLY C 181 12.44 -34.44 29.06
CA GLY C 181 12.18 -34.48 27.63
C GLY C 181 12.35 -33.12 26.98
N VAL C 182 12.83 -32.14 27.75
CA VAL C 182 12.93 -30.76 27.28
C VAL C 182 14.28 -30.46 26.59
N ARG C 183 14.24 -29.98 25.36
CA ARG C 183 15.49 -29.69 24.66
C ARG C 183 15.93 -28.23 24.80
N VAL C 184 17.24 -27.99 24.86
CA VAL C 184 17.75 -26.62 24.94
C VAL C 184 18.86 -26.37 23.93
N ASN C 185 18.73 -25.32 23.11
CA ASN C 185 19.68 -25.09 22.02
C ASN C 185 19.92 -23.60 21.80
N ALA C 186 20.94 -23.27 21.02
CA ALA C 186 21.20 -21.89 20.69
C ALA C 186 21.47 -21.78 19.20
N ILE C 187 21.13 -20.64 18.62
CA ILE C 187 21.60 -20.31 17.27
C ILE C 187 22.64 -19.20 17.35
N SER C 188 23.82 -19.45 16.80
CA SER C 188 24.87 -18.44 16.72
C SER C 188 24.70 -17.77 15.37
N ALA C 189 23.97 -16.67 15.35
CA ALA C 189 23.63 -15.98 14.09
C ALA C 189 24.76 -15.08 13.61
N GLY C 190 24.96 -15.04 12.30
CA GLY C 190 25.83 -14.05 11.68
C GLY C 190 25.23 -12.66 11.89
N PRO C 191 26.04 -11.60 11.69
CA PRO C 191 25.61 -10.21 11.89
C PRO C 191 24.35 -9.83 11.12
N ILE C 192 23.37 -9.22 11.80
CA ILE C 192 22.17 -8.67 11.14
C ILE C 192 21.87 -7.26 11.67
N LYS C 193 21.72 -6.31 10.75
CA LYS C 193 21.38 -4.94 11.11
C LYS C 193 20.04 -4.85 11.84
N THR C 194 20.13 -4.79 13.16
CA THR C 194 18.96 -4.71 14.03
C THR C 194 19.24 -3.57 14.99
N LEU C 195 18.29 -3.20 15.83
CA LEU C 195 18.47 -2.06 16.75
C LEU C 195 19.67 -2.22 17.69
N ALA C 196 19.87 -3.43 18.20
CA ALA C 196 20.93 -3.66 19.17
C ALA C 196 22.29 -3.55 18.50
N ALA C 197 22.30 -3.82 17.20
CA ALA C 197 23.53 -3.75 16.41
C ALA C 197 24.09 -2.30 16.30
N SER C 198 23.26 -1.30 16.64
CA SER C 198 23.69 0.10 16.71
C SER C 198 24.83 0.30 17.67
N GLY C 199 24.77 -0.39 18.81
CA GLY C 199 25.77 -0.21 19.85
C GLY C 199 27.10 -0.86 19.54
N ILE C 200 27.20 -1.48 18.36
CA ILE C 200 28.45 -2.08 17.93
C ILE C 200 29.15 -1.09 17.00
N LYS C 201 30.28 -0.55 17.43
CA LYS C 201 31.07 0.34 16.57
C LYS C 201 31.55 -0.42 15.34
N SER C 202 31.40 0.17 14.16
CA SER C 202 31.80 -0.48 12.91
C SER C 202 31.16 -1.85 12.70
N PHE C 203 29.86 -1.92 13.00
CA PHE C 203 29.05 -3.07 12.63
C PHE C 203 29.10 -3.25 11.13
N GLY C 204 29.13 -2.11 10.43
CA GLY C 204 29.11 -2.08 8.99
C GLY C 204 30.32 -2.76 8.44
N LYS C 205 31.44 -2.60 9.14
CA LYS C 205 32.69 -3.21 8.70
C LYS C 205 32.57 -4.75 8.79
N ILE C 206 32.05 -5.23 9.93
CA ILE C 206 31.80 -6.66 10.11
C ILE C 206 30.86 -7.18 9.01
N LEU C 207 29.77 -6.46 8.79
CA LEU C 207 28.80 -6.85 7.77
C LEU C 207 29.42 -6.98 6.38
N ASP C 208 30.31 -6.05 6.03
CA ASP C 208 30.95 -6.08 4.72
C ASP C 208 31.90 -7.26 4.68
N PHE C 209 32.62 -7.44 5.77
CA PHE C 209 33.63 -8.47 5.84
C PHE C 209 33.02 -9.85 5.62
N VAL C 210 31.89 -10.12 6.25
CA VAL C 210 31.29 -11.46 6.17
C VAL C 210 30.63 -11.69 4.81
N GLU C 211 30.04 -10.64 4.23
CA GLU C 211 29.50 -10.73 2.88
C GLU C 211 30.64 -11.03 1.89
N SER C 212 31.83 -10.53 2.20
CA SER C 212 32.96 -10.77 1.32
C SER C 212 33.66 -12.09 1.62
N ASN C 213 33.57 -12.57 2.85
CA ASN C 213 34.38 -13.72 3.26
C ASN C 213 33.67 -15.01 3.66
N SER C 214 32.38 -14.93 3.98
CA SER C 214 31.59 -16.13 4.25
C SER C 214 31.65 -17.02 3.04
N PRO C 215 31.56 -18.35 3.26
CA PRO C 215 31.54 -19.28 2.13
C PRO C 215 30.43 -18.97 1.14
N LEU C 216 29.22 -18.67 1.62
CA LEU C 216 28.11 -18.35 0.71
C LEU C 216 28.19 -16.94 0.15
N LYS C 217 29.20 -16.18 0.59
CA LYS C 217 29.42 -14.79 0.18
C LYS C 217 28.21 -13.89 0.42
N ARG C 218 27.41 -14.17 1.44
CA ARG C 218 26.25 -13.34 1.69
C ARG C 218 25.90 -13.29 3.17
N ASN C 219 25.31 -12.18 3.59
CA ASN C 219 24.85 -12.07 4.96
C ASN C 219 23.56 -12.87 5.20
N VAL C 220 23.30 -13.21 6.45
CA VAL C 220 22.09 -13.95 6.78
C VAL C 220 20.94 -13.01 7.11
N THR C 221 19.71 -13.44 6.85
CA THR C 221 18.56 -12.61 7.13
C THR C 221 17.84 -13.17 8.34
N ILE C 222 16.93 -12.38 8.94
CA ILE C 222 16.16 -12.86 10.07
C ILE C 222 15.21 -13.98 9.65
N GLU C 223 14.85 -13.99 8.36
CA GLU C 223 14.09 -15.09 7.79
C GLU C 223 14.89 -16.38 7.83
N GLN C 224 16.20 -16.30 7.59
CA GLN C 224 17.02 -17.51 7.60
C GLN C 224 17.22 -18.02 9.01
N VAL C 225 17.49 -17.11 9.92
CA VAL C 225 17.64 -17.46 11.33
C VAL C 225 16.30 -17.95 11.87
N GLY C 226 15.23 -17.24 11.50
CA GLY C 226 13.89 -17.60 11.90
C GLY C 226 13.48 -19.01 11.51
N ASN C 227 13.82 -19.40 10.29
CA ASN C 227 13.54 -20.73 9.76
C ASN C 227 14.27 -21.81 10.58
N ALA C 228 15.55 -21.58 10.87
CA ALA C 228 16.32 -22.49 11.71
C ALA C 228 15.75 -22.60 13.12
N GLY C 229 15.31 -21.47 13.67
CA GLY C 229 14.75 -21.45 15.01
C GLY C 229 13.48 -22.27 15.09
N ALA C 230 12.62 -22.10 14.10
CA ALA C 230 11.40 -22.90 13.99
C ALA C 230 11.71 -24.39 14.04
N PHE C 231 12.62 -24.82 13.16
CA PHE C 231 13.14 -26.18 13.16
C PHE C 231 13.52 -26.64 14.56
N LEU C 232 14.44 -25.91 15.19
CA LEU C 232 14.91 -26.26 16.52
C LEU C 232 13.80 -26.33 17.56
N LEU C 233 12.79 -25.48 17.42
CA LEU C 233 11.68 -25.43 18.34
C LEU C 233 10.70 -26.57 18.06
N SER C 234 10.81 -27.15 16.87
CA SER C 234 9.90 -28.21 16.42
C SER C 234 10.35 -29.65 16.73
N ASP C 235 9.42 -30.58 16.55
CA ASP C 235 9.72 -31.97 16.84
C ASP C 235 10.63 -32.58 15.78
N LEU C 236 10.89 -31.83 14.71
CA LEU C 236 11.87 -32.25 13.71
C LEU C 236 13.27 -32.28 14.35
N ALA C 237 13.49 -31.40 15.31
CA ALA C 237 14.76 -31.37 16.03
C ALA C 237 14.72 -32.18 17.33
N SER C 238 13.85 -33.18 17.39
CA SER C 238 13.66 -33.90 18.65
C SER C 238 14.90 -34.65 19.11
N GLY C 239 15.82 -34.92 18.19
CA GLY C 239 17.06 -35.58 18.58
C GLY C 239 18.17 -34.61 18.91
N VAL C 240 17.87 -33.30 18.95
CA VAL C 240 18.88 -32.27 19.08
C VAL C 240 18.72 -31.39 20.31
N THR C 241 19.73 -31.36 21.16
CA THR C 241 19.70 -30.53 22.36
C THR C 241 21.14 -30.27 22.72
N ALA C 242 21.37 -29.19 23.47
CA ALA C 242 22.71 -28.76 23.92
C ALA C 242 23.57 -28.31 22.74
N GLU C 243 22.90 -27.93 21.68
CA GLU C 243 23.60 -27.61 20.46
C GLU C 243 23.67 -26.09 20.27
N VAL C 244 24.81 -25.63 19.81
CA VAL C 244 24.91 -24.23 19.35
C VAL C 244 25.09 -24.29 17.85
N MET C 245 24.02 -23.96 17.13
CA MET C 245 23.95 -24.10 15.69
C MET C 245 24.35 -22.78 14.97
N HIS C 246 25.38 -22.81 14.12
CA HIS C 246 25.75 -21.56 13.39
C HIS C 246 24.80 -21.30 12.24
N VAL C 247 24.15 -20.15 12.24
CA VAL C 247 23.44 -19.70 11.05
C VAL C 247 24.06 -18.37 10.60
N ASP C 248 25.20 -18.48 9.94
CA ASP C 248 26.03 -17.32 9.58
C ASP C 248 26.64 -17.46 8.18
N SER C 249 25.93 -18.13 7.29
CA SER C 249 26.42 -18.43 5.94
C SER C 249 27.79 -19.14 5.96
N GLY C 250 28.11 -19.74 7.10
CA GLY C 250 29.34 -20.51 7.23
C GLY C 250 30.55 -19.72 7.67
N PHE C 251 30.35 -18.46 8.04
CA PHE C 251 31.46 -17.56 8.35
C PHE C 251 32.40 -18.09 9.42
N ASN C 252 31.83 -18.68 10.46
CA ASN C 252 32.58 -19.19 11.61
C ASN C 252 33.68 -20.15 11.21
N ALA C 253 33.46 -20.86 10.11
CA ALA C 253 34.27 -22.00 9.70
C ALA C 253 35.49 -21.66 8.88
N VAL C 254 35.67 -20.38 8.57
CA VAL C 254 36.76 -19.97 7.67
C VAL C 254 37.71 -18.99 8.35
N VAL C 255 38.89 -18.88 7.78
CA VAL C 255 39.77 -17.77 8.13
C VAL C 255 39.77 -16.83 6.95
N GLY C 256 39.02 -15.74 7.04
CA GLY C 256 38.83 -14.89 5.88
C GLY C 256 39.79 -13.72 5.88
N GLY C 257 39.86 -13.03 4.74
CA GLY C 257 40.61 -11.79 4.61
C GLY C 257 41.99 -11.92 4.03
N MET C 258 42.47 -13.15 3.86
CA MET C 258 43.82 -13.38 3.37
C MET C 258 43.88 -13.55 1.84
PA NAD D . 10.67 18.44 -9.92
O1A NAD D . 9.96 19.58 -9.31
O2A NAD D . 11.98 18.84 -10.44
O5B NAD D . 10.76 17.31 -8.83
C5B NAD D . 11.80 16.30 -8.90
C4B NAD D . 12.19 15.91 -7.61
O4B NAD D . 13.00 14.71 -7.67
C3B NAD D . 13.02 16.99 -7.10
O3B NAD D . 12.39 17.64 -6.01
C2B NAD D . 14.26 16.35 -6.71
O2B NAD D . 14.77 16.85 -5.54
C1B NAD D . 13.86 14.92 -6.59
N9A NAD D . 14.99 14.04 -6.63
C8A NAD D . 15.85 13.78 -7.67
N7A NAD D . 16.79 12.87 -7.24
C5A NAD D . 16.52 12.55 -5.91
C6A NAD D . 17.10 11.72 -4.91
N6A NAD D . 18.26 10.95 -5.23
N1A NAD D . 16.55 11.63 -3.67
C2A NAD D . 15.46 12.37 -3.38
N3A NAD D . 14.89 13.18 -4.31
C4A NAD D . 15.39 13.30 -5.55
O3 NAD D . 9.77 17.88 -11.17
PN NAD D . 8.49 17.03 -11.04
O1N NAD D . 7.40 17.57 -10.17
O2N NAD D . 7.94 17.08 -12.48
O5D NAD D . 8.80 15.54 -10.69
C5D NAD D . 7.95 14.78 -9.85
C4D NAD D . 7.49 13.52 -10.42
O4D NAD D . 6.53 13.73 -11.42
C3D NAD D . 8.62 12.76 -10.99
O3D NAD D . 8.55 11.43 -10.54
C2D NAD D . 8.40 12.84 -12.41
O2D NAD D . 8.94 11.80 -13.05
C1D NAD D . 6.91 12.88 -12.52
N1N NAD D . 6.26 13.44 -13.70
C2N NAD D . 6.58 14.69 -14.11
C3N NAD D . 5.88 15.25 -15.19
C7N NAD D . 6.22 16.62 -15.74
O7N NAD D . 5.78 16.97 -16.80
N7N NAD D . 7.08 17.47 -15.03
C4N NAD D . 4.88 14.53 -15.82
C5N NAD D . 4.57 13.25 -15.34
C6N NAD D . 5.29 12.75 -14.25
CAG 69K E . 12.07 13.67 -12.35
CAF 69K E . 12.57 13.46 -13.75
NAK 69K E . 13.85 13.12 -14.01
CAO 69K E . 14.30 12.92 -15.27
CAN 69K E . 13.47 13.08 -16.38
CAJ 69K E . 12.13 13.42 -16.16
CAE 69K E . 11.70 13.62 -14.83
OAD 69K E . 10.39 13.97 -14.53
CAC 69K E . 9.58 14.16 -15.67
CAI 69K E . 9.62 15.40 -16.29
CAM 69K E . 8.82 15.62 -17.41
FAQ 69K E . 8.84 16.80 -18.03
CAL 69K E . 7.99 14.60 -17.89
CAP 69K E . 7.15 14.86 -19.13
CAR 69K E . 7.95 14.85 -20.41
CAH 69K E . 7.97 13.34 -17.27
CAB 69K E . 8.76 13.11 -16.14
OAA 69K E . 8.75 11.85 -15.50
PA NAD F . -29.24 -1.84 -10.48
O1A NAD F . -29.51 -1.58 -9.06
O2A NAD F . -30.25 -2.75 -10.97
O5B NAD F . -29.23 -0.46 -11.28
C5B NAD F . -29.34 -0.37 -12.76
C4B NAD F . -30.26 0.59 -13.24
O4B NAD F . -30.40 0.57 -14.68
C3B NAD F . -31.61 0.37 -12.69
O3B NAD F . -32.29 1.59 -12.41
C2B NAD F . -32.30 -0.23 -13.81
O2B NAD F . -33.64 -0.11 -13.67
C1B NAD F . -31.78 0.66 -14.89
N9A NAD F . -32.22 0.30 -16.20
C8A NAD F . -32.40 -0.95 -16.73
N7A NAD F . -32.85 -0.81 -18.03
C5A NAD F . -32.96 0.53 -18.32
C6A NAD F . -33.36 1.33 -19.46
N6A NAD F . -33.79 0.73 -20.69
N1A NAD F . -33.35 2.68 -19.37
C2A NAD F . -32.96 3.29 -18.22
N3A NAD F . -32.58 2.58 -17.12
C4A NAD F . -32.58 1.23 -17.14
O3 NAD F . -27.77 -2.54 -10.64
PN NAD F . -26.37 -1.96 -10.20
O1N NAD F . -26.50 -0.84 -9.23
O2N NAD F . -25.63 -3.14 -9.54
O5D NAD F . -25.53 -1.48 -11.43
C5D NAD F . -25.85 -0.36 -12.29
C4D NAD F . -24.72 0.24 -13.07
O4D NAD F . -23.47 -0.12 -12.50
C3D NAD F . -24.63 -0.26 -14.44
O3D NAD F . -23.83 0.60 -15.19
C2D NAD F . -23.98 -1.52 -14.29
O2D NAD F . -23.52 -1.89 -15.48
C1D NAD F . -22.88 -1.13 -13.36
N1N NAD F . -22.04 -2.08 -12.58
C2N NAD F . -22.49 -2.83 -11.49
C3N NAD F . -21.57 -3.69 -10.79
C7N NAD F . -21.90 -4.53 -9.56
O7N NAD F . -21.11 -5.35 -9.16
N7N NAD F . -23.07 -4.32 -8.79
C4N NAD F . -20.26 -3.74 -11.21
C5N NAD F . -19.84 -2.97 -12.33
C6N NAD F . -20.77 -2.14 -12.98
CAG 69K G . -27.16 -3.64 -14.88
CAF 69K G . -26.73 -5.01 -15.23
NAK 69K G . -27.39 -5.73 -16.17
CAO 69K G . -27.03 -6.98 -16.50
CAN 69K G . -25.94 -7.61 -15.89
CAJ 69K G . -25.23 -6.88 -14.91
CAE 69K G . -25.63 -5.58 -14.57
OAD 69K G . -24.96 -4.81 -13.62
CAC 69K G . -23.90 -5.55 -13.07
CAI 69K G . -24.12 -6.36 -11.95
CAM 69K G . -23.04 -7.10 -11.41
FAQ 69K G . -23.21 -7.89 -10.32
CAL 69K G . -21.79 -7.02 -12.02
CAP 69K G . -20.63 -7.84 -11.41
CAR 69K G . -20.60 -9.32 -11.65
CAH 69K G . -21.59 -6.21 -13.15
CAB 69K G . -22.64 -5.45 -13.70
OAA 69K G . -22.47 -4.63 -14.83
PA NAD H . 17.19 -6.28 19.11
O1A NAD H . 15.98 -6.50 18.29
O2A NAD H . 17.27 -4.95 19.64
O5B NAD H . 17.05 -7.28 20.32
C5B NAD H . 17.33 -6.86 21.69
C4B NAD H . 16.31 -7.22 22.59
O4B NAD H . 16.83 -7.26 23.94
C3B NAD H . 15.27 -6.19 22.56
O3B NAD H . 14.03 -6.77 22.17
C2B NAD H . 15.15 -5.73 23.93
O2B NAD H . 13.84 -5.63 24.24
C1B NAD H . 15.75 -6.84 24.71
N9A NAD H . 16.21 -6.48 26.02
C8A NAD H . 17.32 -5.71 26.26
N7A NAD H . 17.47 -5.59 27.61
C5A NAD H . 16.45 -6.31 28.23
C6A NAD H . 16.09 -6.56 29.61
N6A NAD H . 16.90 -5.96 30.62
N1A NAD H . 15.01 -7.33 29.91
C2A NAD H . 14.25 -7.86 28.90
N3A NAD H . 14.57 -7.65 27.58
C4A NAD H . 15.65 -6.88 27.22
O3 NAD H . 18.55 -6.79 18.38
PN NAD H . 18.73 -8.31 18.06
O1N NAD H . 17.44 -8.94 17.66
O2N NAD H . 19.67 -8.42 16.85
O5D NAD H . 19.39 -9.06 19.28
C5D NAD H . 18.73 -10.22 19.84
C4D NAD H . 19.56 -11.41 20.23
O4D NAD H . 20.30 -11.87 19.11
C3D NAD H . 20.55 -10.99 21.22
O3D NAD H . 20.80 -11.97 22.15
C2D NAD H . 21.75 -10.71 20.48
O2D NAD H . 22.83 -10.70 21.27
C1D NAD H . 21.69 -11.79 19.46
N1N NAD H . 22.49 -11.70 18.23
C2N NAD H . 22.31 -10.70 17.34
C3N NAD H . 23.08 -10.67 16.18
C7N NAD H . 22.94 -9.56 15.16
O7N NAD H . 23.83 -9.31 14.37
N7N NAD H . 21.74 -8.86 15.13
C4N NAD H . 24.01 -11.67 15.94
C5N NAD H . 24.18 -12.70 16.87
C6N NAD H . 23.36 -12.67 18.01
CAG 69K I . 21.50 -7.21 22.23
CAF 69K I . 22.94 -6.80 22.17
NAK 69K I . 23.46 -6.05 23.17
CAO 69K I . 24.75 -5.68 23.17
CAN 69K I . 25.62 -6.08 22.13
CAJ 69K I . 25.11 -6.87 21.09
CAE 69K I . 23.76 -7.23 21.11
OAD 69K I . 23.22 -8.03 20.09
CAC 69K I . 24.12 -8.27 19.03
CAI 69K I . 24.09 -7.44 17.91
CAM 69K I . 24.97 -7.69 16.83
FAQ 69K I . 24.95 -6.88 15.76
CAL 69K I . 25.87 -8.76 16.88
CAP 69K I . 26.80 -9.01 15.68
CAR 69K I . 28.16 -8.36 15.65
CAH 69K I . 25.89 -9.60 18.01
CAB 69K I . 25.01 -9.37 19.08
OAA 69K I . 25.03 -10.20 20.22
#